data_9QOF
#
_entry.id   9QOF
#
_cell.length_a   132.615
_cell.length_b   92.901
_cell.length_c   171.691
_cell.angle_alpha   90.000
_cell.angle_beta   90.000
_cell.angle_gamma   90.000
#
_symmetry.space_group_name_H-M   'C 2 2 21'
#
loop_
_entity.id
_entity.type
_entity.pdbx_description
1 polymer 'Serine--tRNA ligase'
2 non-polymer 'MAGNESIUM ION'
3 non-polymer 'SULFATE ION'
4 non-polymer "5'-O-(N-(L-SERYL)-SULFAMOYL)ADENOSINE"
5 water water
#
_entity_poly.entity_id   1
_entity_poly.type   'polypeptide(L)'
_entity_poly.pdbx_seq_one_letter_code
;MLDPNLLRNEPDAVAEKLARRGFKLDVDKLGALEGDIALTIPNLPADEVPVGKDENDNVEVSRWGTPREFDFEVRDHVTL
GEMHSGLDFAAAVKLTGSRFVVMKGQIARMHRALSQFMLDLHTEQHGYSENYVPYLVNQDTLYGTGQLPKFAGDLFHTRP
LEEEADTSNYALIPTAEVPLTNLVRGEIIDEDDLPIKMTAHTPCFRSEAGSYGRDTRGLIRMHQFDKVEMVQIVRPEDSM
AALEEMTGHAEKVLQLLGLPYRKIILCTGDMGFGACKTYDLEVWIPAQNTYREISSCSNVWDFQARRMQARCRSKSDKKT
RLVHTLNGSGLAVGRTLVAVMENYQQADGRIEVPEVLRPYMNGLEYIG
;
_entity_poly.pdbx_strand_id   A,B
#
# COMPACT_ATOMS: atom_id res chain seq x y z
N MET A 1 25.92 -3.78 -12.26
CA MET A 1 27.05 -4.55 -12.76
C MET A 1 28.33 -3.70 -12.72
N LEU A 2 29.48 -4.36 -12.72
CA LEU A 2 30.77 -3.68 -12.66
C LEU A 2 31.19 -3.22 -14.05
N ASP A 3 32.07 -2.24 -14.07
CA ASP A 3 32.66 -1.74 -15.31
C ASP A 3 33.38 -2.88 -16.04
N PRO A 4 32.94 -3.26 -17.24
CA PRO A 4 33.61 -4.36 -17.93
C PRO A 4 35.08 -4.07 -18.24
N ASN A 5 35.46 -2.79 -18.30
CA ASN A 5 36.85 -2.45 -18.55
C ASN A 5 37.72 -2.82 -17.36
N LEU A 6 37.21 -2.66 -16.14
CA LEU A 6 37.98 -3.07 -14.97
C LEU A 6 38.19 -4.58 -14.95
N LEU A 7 37.22 -5.37 -15.43
CA LEU A 7 37.41 -6.81 -15.50
C LEU A 7 38.42 -7.19 -16.57
N ARG A 8 38.58 -6.34 -17.59
CA ARG A 8 39.56 -6.59 -18.64
C ARG A 8 40.96 -6.23 -18.19
N ASN A 9 41.15 -4.98 -17.75
CA ASN A 9 42.47 -4.42 -17.53
C ASN A 9 43.00 -4.61 -16.11
N GLU A 10 42.18 -5.07 -15.18
CA GLU A 10 42.66 -5.27 -13.82
C GLU A 10 42.02 -6.48 -13.14
N PRO A 11 42.05 -7.66 -13.77
CA PRO A 11 41.39 -8.82 -13.14
C PRO A 11 41.94 -9.14 -11.76
N ASP A 12 43.20 -8.78 -11.48
CA ASP A 12 43.78 -9.08 -10.18
C ASP A 12 43.21 -8.17 -9.10
N ALA A 13 43.28 -6.86 -9.33
CA ALA A 13 42.72 -5.91 -8.35
C ALA A 13 41.27 -6.23 -8.04
N VAL A 14 40.49 -6.62 -9.06
CA VAL A 14 39.06 -6.81 -8.87
C VAL A 14 38.81 -8.10 -8.08
N ALA A 15 39.50 -9.18 -8.44
CA ALA A 15 39.29 -10.44 -7.74
C ALA A 15 39.64 -10.33 -6.26
N GLU A 16 40.58 -9.44 -5.92
CA GLU A 16 41.01 -9.30 -4.53
C GLU A 16 39.98 -8.52 -3.71
N LYS A 17 39.51 -7.39 -4.24
CA LYS A 17 38.46 -6.65 -3.57
C LYS A 17 37.22 -7.53 -3.34
N LEU A 18 36.81 -8.28 -4.37
CA LEU A 18 35.65 -9.14 -4.22
C LEU A 18 35.90 -10.24 -3.20
N ALA A 19 37.14 -10.71 -3.08
CA ALA A 19 37.46 -11.70 -2.05
C ALA A 19 37.20 -11.17 -0.65
N ARG A 20 37.39 -9.87 -0.43
CA ARG A 20 37.17 -9.29 0.90
C ARG A 20 35.71 -9.41 1.32
N ARG A 21 34.77 -9.49 0.38
CA ARG A 21 33.39 -9.72 0.74
C ARG A 21 32.98 -11.17 0.53
N GLY A 22 33.95 -12.07 0.40
CA GLY A 22 33.66 -13.49 0.39
C GLY A 22 33.19 -14.05 -0.94
N PHE A 23 33.66 -13.49 -2.05
CA PHE A 23 33.20 -13.87 -3.38
C PHE A 23 34.41 -14.18 -4.25
N LYS A 24 34.45 -15.39 -4.81
CA LYS A 24 35.58 -15.84 -5.62
C LYS A 24 35.24 -15.68 -7.10
N LEU A 25 36.00 -14.85 -7.79
CA LEU A 25 35.79 -14.60 -9.22
C LEU A 25 36.66 -15.58 -10.01
N ASP A 26 36.03 -16.55 -10.66
CA ASP A 26 36.74 -17.49 -11.51
C ASP A 26 37.48 -16.75 -12.61
N VAL A 27 38.79 -16.52 -12.41
CA VAL A 27 39.56 -15.76 -13.39
C VAL A 27 39.48 -16.41 -14.76
N ASP A 28 39.63 -17.73 -14.81
CA ASP A 28 39.46 -18.45 -16.08
C ASP A 28 38.14 -18.09 -16.73
N LYS A 29 37.04 -18.32 -16.01
CA LYS A 29 35.73 -17.88 -16.45
C LYS A 29 35.66 -16.36 -16.63
N LEU A 30 36.54 -15.61 -15.95
CA LEU A 30 36.48 -14.16 -16.01
C LEU A 30 36.85 -13.63 -17.39
N GLY A 31 37.91 -14.17 -18.00
CA GLY A 31 38.24 -13.81 -19.37
C GLY A 31 37.06 -14.06 -20.30
N ALA A 32 36.52 -15.27 -20.27
CA ALA A 32 35.34 -15.63 -21.04
C ALA A 32 34.17 -14.69 -20.70
N LEU A 33 33.65 -14.80 -19.48
CA LEU A 33 32.62 -13.89 -18.99
C LEU A 33 31.44 -13.84 -19.97
N GLU A 34 30.79 -14.99 -20.13
CA GLU A 34 29.65 -15.16 -21.02
C GLU A 34 28.40 -15.45 -20.20
N GLY A 35 27.27 -15.45 -20.89
CA GLY A 35 26.01 -15.60 -20.20
C GLY A 35 25.70 -14.39 -19.34
N ASP A 36 25.03 -14.63 -18.21
CA ASP A 36 24.66 -13.56 -17.30
C ASP A 36 25.48 -13.57 -16.01
N ILE A 37 26.70 -14.12 -16.05
CA ILE A 37 27.50 -14.17 -14.83
C ILE A 37 27.89 -12.75 -14.42
N ALA A 38 28.13 -11.85 -15.39
CA ALA A 38 28.44 -10.47 -15.07
C ALA A 38 27.34 -9.83 -14.22
N LEU A 39 26.11 -10.31 -14.33
CA LEU A 39 24.99 -9.77 -13.56
C LEU A 39 24.83 -10.42 -12.20
N THR A 40 25.68 -11.38 -11.85
CA THR A 40 25.65 -12.04 -10.54
C THR A 40 26.76 -11.57 -9.61
N ILE A 41 27.57 -10.60 -10.04
CA ILE A 41 28.76 -10.18 -9.30
C ILE A 41 28.41 -8.99 -8.41
N PRO A 42 28.72 -9.04 -7.11
CA PRO A 42 28.37 -7.91 -6.24
C PRO A 42 29.27 -6.71 -6.47
N ASN A 43 28.84 -5.58 -5.91
CA ASN A 43 29.54 -4.31 -6.07
C ASN A 43 30.85 -4.33 -5.29
N LEU A 44 31.81 -3.52 -5.75
CA LEU A 44 33.12 -3.44 -5.10
C LEU A 44 33.02 -2.60 -3.83
N PRO A 45 33.60 -3.04 -2.72
CA PRO A 45 33.60 -2.20 -1.52
C PRO A 45 34.47 -0.98 -1.66
N ALA A 46 34.04 0.11 -1.03
CA ALA A 46 34.90 1.28 -0.90
C ALA A 46 36.08 0.95 0.02
N ASP A 47 37.15 1.76 -0.11
CA ASP A 47 38.40 1.44 0.58
C ASP A 47 38.25 1.51 2.09
N GLU A 48 37.49 2.49 2.59
CA GLU A 48 37.39 2.69 4.03
C GLU A 48 36.47 1.70 4.75
N VAL A 49 35.79 0.80 4.03
CA VAL A 49 34.90 -0.14 4.69
C VAL A 49 35.71 -1.19 5.44
N PRO A 50 35.43 -1.47 6.71
CA PRO A 50 36.22 -2.47 7.43
C PRO A 50 36.12 -3.83 6.77
N VAL A 51 37.24 -4.54 6.74
CA VAL A 51 37.24 -5.93 6.25
C VAL A 51 36.80 -6.86 7.37
N GLY A 52 35.92 -7.81 7.05
CA GLY A 52 35.42 -8.75 8.03
C GLY A 52 34.58 -9.79 7.35
N LYS A 53 34.16 -10.79 8.13
CA LYS A 53 33.48 -11.96 7.59
C LYS A 53 31.97 -11.91 7.78
N ASP A 54 31.50 -11.56 8.97
CA ASP A 54 30.06 -11.53 9.24
C ASP A 54 29.78 -10.35 10.17
N GLU A 55 28.57 -10.33 10.74
CA GLU A 55 28.12 -9.18 11.51
C GLU A 55 28.93 -8.94 12.78
N ASN A 56 29.70 -9.92 13.24
CA ASN A 56 30.53 -9.73 14.42
C ASN A 56 31.69 -8.77 14.15
N ASP A 57 32.04 -8.54 12.88
CA ASP A 57 33.10 -7.62 12.52
C ASP A 57 32.58 -6.24 12.13
N ASN A 58 31.28 -6.00 12.27
CA ASN A 58 30.76 -4.64 12.05
C ASN A 58 31.27 -3.72 13.17
N VAL A 59 31.34 -2.43 12.85
CA VAL A 59 31.98 -1.44 13.70
C VAL A 59 30.98 -0.37 14.10
N GLU A 60 30.90 -0.10 15.40
CA GLU A 60 30.03 0.95 15.90
C GLU A 60 30.67 2.31 15.69
N VAL A 61 29.90 3.25 15.16
CA VAL A 61 30.38 4.58 14.83
C VAL A 61 29.99 5.60 15.89
N SER A 62 28.78 5.45 16.44
CA SER A 62 28.26 6.40 17.43
C SER A 62 26.96 5.82 17.97
N ARG A 63 26.44 6.48 19.01
CA ARG A 63 25.11 6.15 19.51
C ARG A 63 24.51 7.39 20.16
N TRP A 64 23.20 7.33 20.41
CA TRP A 64 22.45 8.47 20.87
C TRP A 64 21.41 7.99 21.88
N GLY A 65 21.38 8.64 23.02
CA GLY A 65 20.41 8.32 24.05
C GLY A 65 20.86 7.13 24.90
N THR A 66 20.20 6.99 26.04
CA THR A 66 20.44 5.89 26.96
C THR A 66 19.17 5.09 27.14
N PRO A 67 19.22 3.76 27.08
CA PRO A 67 18.02 2.96 27.32
C PRO A 67 17.39 3.29 28.68
N ARG A 68 16.08 3.47 28.67
CA ARG A 68 15.33 3.74 29.89
C ARG A 68 15.40 2.56 30.86
N GLU A 69 15.45 2.90 32.15
CA GLU A 69 15.41 1.89 33.21
C GLU A 69 13.98 1.70 33.67
N PHE A 70 13.54 0.45 33.71
CA PHE A 70 12.17 0.12 34.07
C PHE A 70 12.12 -0.40 35.51
N ASP A 71 11.27 0.21 36.32
CA ASP A 71 11.01 -0.26 37.68
C ASP A 71 9.78 -1.17 37.74
N PHE A 72 9.42 -1.80 36.62
CA PHE A 72 8.30 -2.74 36.58
C PHE A 72 8.62 -3.77 35.51
N GLU A 73 7.72 -4.76 35.39
CA GLU A 73 7.91 -5.84 34.43
C GLU A 73 7.82 -5.32 33.00
N VAL A 74 8.84 -5.60 32.20
CA VAL A 74 8.87 -5.14 30.82
C VAL A 74 8.04 -6.09 29.96
N ARG A 75 7.07 -5.54 29.25
CA ARG A 75 6.20 -6.30 28.35
C ARG A 75 6.63 -6.08 26.91
N ASP A 76 6.56 -7.14 26.09
CA ASP A 76 6.90 -7.03 24.68
C ASP A 76 5.70 -6.51 23.88
N HIS A 77 5.97 -6.12 22.64
CA HIS A 77 4.96 -5.41 21.85
C HIS A 77 3.78 -6.29 21.49
N VAL A 78 3.97 -7.62 21.41
CA VAL A 78 2.85 -8.50 21.13
C VAL A 78 1.91 -8.57 22.33
N THR A 79 2.47 -8.75 23.53
CA THR A 79 1.66 -8.72 24.75
C THR A 79 0.88 -7.40 24.88
N LEU A 80 1.56 -6.28 24.68
CA LEU A 80 0.89 -4.98 24.75
C LEU A 80 -0.17 -4.83 23.66
N GLY A 81 0.19 -5.18 22.43
CA GLY A 81 -0.77 -5.03 21.34
C GLY A 81 -2.03 -5.87 21.54
N GLU A 82 -1.86 -7.09 22.03
CA GLU A 82 -3.01 -7.97 22.19
C GLU A 82 -3.87 -7.58 23.38
N MET A 83 -3.29 -7.07 24.45
CA MET A 83 -4.12 -6.70 25.59
C MET A 83 -4.92 -5.43 25.33
N HIS A 84 -4.49 -4.59 24.39
CA HIS A 84 -5.28 -3.46 23.95
C HIS A 84 -6.12 -3.77 22.71
N SER A 85 -6.16 -5.03 22.27
CA SER A 85 -6.90 -5.44 21.07
C SER A 85 -6.49 -4.61 19.85
N GLY A 86 -5.19 -4.37 19.72
CA GLY A 86 -4.69 -3.58 18.62
C GLY A 86 -3.87 -4.34 17.60
N LEU A 87 -3.31 -5.47 17.99
CA LEU A 87 -2.62 -6.39 17.09
C LEU A 87 -3.35 -7.73 17.13
N ASP A 88 -3.69 -8.27 15.96
CA ASP A 88 -4.41 -9.54 15.86
C ASP A 88 -3.70 -10.42 14.82
N PHE A 89 -2.81 -11.30 15.30
CA PHE A 89 -2.08 -12.19 14.41
C PHE A 89 -2.92 -13.38 13.97
N ALA A 90 -3.83 -13.86 14.82
CA ALA A 90 -4.63 -15.02 14.46
C ALA A 90 -5.61 -14.67 13.35
N ALA A 91 -6.20 -13.48 13.39
CA ALA A 91 -7.06 -13.03 12.30
C ALA A 91 -6.30 -12.98 10.99
N ALA A 92 -5.02 -12.62 11.03
CA ALA A 92 -4.23 -12.54 9.80
C ALA A 92 -3.96 -13.92 9.22
N VAL A 93 -3.76 -14.92 10.08
CA VAL A 93 -3.66 -16.30 9.61
C VAL A 93 -4.94 -16.72 8.90
N LYS A 94 -6.10 -16.38 9.49
CA LYS A 94 -7.38 -16.72 8.90
C LYS A 94 -7.57 -16.06 7.54
N LEU A 95 -7.21 -14.77 7.42
CA LEU A 95 -7.38 -14.08 6.15
C LEU A 95 -6.40 -14.59 5.09
N THR A 96 -5.18 -14.90 5.49
CA THR A 96 -4.07 -15.07 4.56
C THR A 96 -3.16 -16.22 4.95
N GLY A 97 -2.32 -16.00 5.96
CA GLY A 97 -1.39 -17.01 6.40
C GLY A 97 -0.42 -16.42 7.42
N SER A 98 0.64 -17.17 7.68
CA SER A 98 1.57 -16.74 8.72
C SER A 98 2.42 -15.57 8.23
N ARG A 99 2.99 -14.84 9.20
CA ARG A 99 3.83 -13.66 8.96
C ARG A 99 3.06 -12.52 8.30
N PHE A 100 1.75 -12.43 8.55
CA PHE A 100 0.93 -11.25 8.28
C PHE A 100 0.30 -10.81 9.59
N VAL A 101 -0.22 -9.57 9.63
CA VAL A 101 -0.87 -9.06 10.83
C VAL A 101 -2.08 -8.21 10.47
N VAL A 102 -3.05 -8.16 11.38
CA VAL A 102 -4.13 -7.18 11.38
C VAL A 102 -3.92 -6.25 12.58
N MET A 103 -3.99 -4.95 12.33
CA MET A 103 -3.89 -3.93 13.37
C MET A 103 -5.23 -3.23 13.47
N LYS A 104 -5.61 -2.85 14.71
CA LYS A 104 -6.93 -2.29 14.93
C LYS A 104 -6.89 -1.10 15.89
N GLY A 105 -7.82 -0.17 15.68
CA GLY A 105 -8.08 0.86 16.68
C GLY A 105 -6.93 1.85 16.85
N GLN A 106 -6.62 2.18 18.09
CA GLN A 106 -5.62 3.20 18.38
C GLN A 106 -4.24 2.78 17.87
N ILE A 107 -3.91 1.49 17.96
CA ILE A 107 -2.61 1.02 17.48
C ILE A 107 -2.52 1.13 15.97
N ALA A 108 -3.58 0.80 15.25
CA ALA A 108 -3.61 1.07 13.81
C ALA A 108 -3.43 2.55 13.53
N ARG A 109 -4.08 3.42 14.31
CA ARG A 109 -3.94 4.87 14.09
C ARG A 109 -2.52 5.34 14.38
N MET A 110 -1.87 4.79 15.39
CA MET A 110 -0.47 5.14 15.65
C MET A 110 0.45 4.66 14.52
N HIS A 111 0.16 3.49 13.95
CA HIS A 111 0.94 3.02 12.81
C HIS A 111 0.79 3.98 11.65
N ARG A 112 -0.44 4.48 11.42
CA ARG A 112 -0.65 5.46 10.36
C ARG A 112 0.04 6.78 10.68
N ALA A 113 -0.02 7.22 11.94
CA ALA A 113 0.58 8.50 12.32
C ALA A 113 2.08 8.49 12.09
N LEU A 114 2.74 7.36 12.36
CA LEU A 114 4.18 7.27 12.14
C LEU A 114 4.55 7.51 10.68
N SER A 115 3.81 6.91 9.75
CA SER A 115 4.12 7.09 8.35
C SER A 115 3.90 8.53 7.92
N GLN A 116 2.86 9.18 8.46
CA GLN A 116 2.57 10.55 8.08
C GLN A 116 3.61 11.51 8.64
N PHE A 117 4.03 11.29 9.88
CA PHE A 117 5.07 12.13 10.47
C PHE A 117 6.38 12.03 9.69
N MET A 118 6.73 10.82 9.25
CA MET A 118 7.99 10.63 8.51
C MET A 118 7.92 11.32 7.15
N LEU A 119 6.82 11.11 6.42
CA LEU A 119 6.68 11.71 5.10
C LEU A 119 6.69 13.23 5.18
N ASP A 120 5.95 13.81 6.13
CA ASP A 120 5.97 15.26 6.29
C ASP A 120 7.37 15.77 6.62
N LEU A 121 8.08 15.09 7.51
CA LEU A 121 9.41 15.57 7.90
C LEU A 121 10.35 15.61 6.70
N HIS A 122 10.37 14.56 5.90
CA HIS A 122 11.33 14.49 4.81
C HIS A 122 10.97 15.44 3.67
N THR A 123 9.67 15.68 3.43
CA THR A 123 9.28 16.55 2.34
C THR A 123 9.32 18.02 2.75
N GLU A 124 8.96 18.32 3.99
CA GLU A 124 8.90 19.71 4.45
C GLU A 124 10.25 20.24 4.93
N GLN A 125 11.09 19.40 5.49
CA GLN A 125 12.34 19.85 6.10
C GLN A 125 13.60 19.31 5.45
N HIS A 126 13.57 18.15 4.80
CA HIS A 126 14.78 17.55 4.26
C HIS A 126 14.87 17.66 2.73
N GLY A 127 13.89 18.26 2.08
CA GLY A 127 13.97 18.51 0.65
C GLY A 127 13.66 17.36 -0.27
N TYR A 128 12.95 16.33 0.20
CA TYR A 128 12.60 15.20 -0.65
C TYR A 128 11.28 15.47 -1.35
N SER A 129 11.17 15.03 -2.59
N SER A 129 11.17 15.00 -2.59
CA SER A 129 9.92 15.09 -3.32
CA SER A 129 9.93 15.07 -3.34
C SER A 129 9.13 13.81 -3.09
C SER A 129 9.12 13.80 -3.10
N GLU A 130 7.83 13.96 -2.83
CA GLU A 130 6.95 12.84 -2.54
C GLU A 130 6.47 12.18 -3.82
N ASN A 131 6.44 10.86 -3.83
CA ASN A 131 5.96 10.10 -4.98
C ASN A 131 5.01 8.99 -4.56
N TYR A 132 4.00 8.75 -5.40
CA TYR A 132 3.13 7.58 -5.32
C TYR A 132 3.49 6.69 -6.50
N VAL A 133 3.84 5.43 -6.23
CA VAL A 133 4.44 4.56 -7.25
C VAL A 133 3.65 3.28 -7.37
N PRO A 134 3.81 2.57 -8.50
CA PRO A 134 3.25 1.22 -8.60
C PRO A 134 3.89 0.28 -7.59
N TYR A 135 3.08 -0.66 -7.10
CA TYR A 135 3.55 -1.69 -6.18
C TYR A 135 3.84 -3.00 -6.92
N LEU A 136 3.61 -3.03 -8.23
CA LEU A 136 4.01 -4.10 -9.13
C LEU A 136 4.98 -3.52 -10.15
N VAL A 137 6.02 -4.28 -10.50
CA VAL A 137 7.02 -3.84 -11.47
C VAL A 137 7.39 -4.99 -12.40
N ASN A 138 8.01 -4.62 -13.53
CA ASN A 138 8.32 -5.57 -14.59
C ASN A 138 9.78 -6.01 -14.51
N GLN A 139 10.17 -6.91 -15.43
CA GLN A 139 11.46 -7.57 -15.36
C GLN A 139 12.59 -6.58 -15.56
N ASP A 140 12.45 -5.65 -16.51
CA ASP A 140 13.53 -4.69 -16.77
C ASP A 140 13.82 -3.86 -15.53
N THR A 141 12.77 -3.49 -14.79
CA THR A 141 12.94 -2.68 -13.57
C THR A 141 13.71 -3.46 -12.51
N LEU A 142 13.40 -4.76 -12.36
CA LEU A 142 14.08 -5.56 -11.35
C LEU A 142 15.54 -5.81 -11.73
N TYR A 143 15.81 -6.00 -13.03
CA TYR A 143 17.21 -6.06 -13.48
C TYR A 143 17.93 -4.74 -13.20
N GLY A 144 17.23 -3.63 -13.39
CA GLY A 144 17.87 -2.34 -13.25
C GLY A 144 18.49 -2.13 -11.88
N THR A 145 17.74 -2.47 -10.83
CA THR A 145 18.22 -2.24 -9.46
C THR A 145 18.93 -3.43 -8.86
N GLY A 146 19.03 -4.55 -9.59
CA GLY A 146 19.87 -5.65 -9.17
C GLY A 146 19.15 -6.80 -8.51
N GLN A 147 17.85 -6.69 -8.30
CA GLN A 147 17.12 -7.80 -7.70
C GLN A 147 17.16 -9.04 -8.60
N LEU A 148 17.25 -8.83 -9.92
CA LEU A 148 17.39 -9.92 -10.85
C LEU A 148 18.77 -9.84 -11.51
N PRO A 149 19.35 -10.97 -11.90
CA PRO A 149 18.76 -12.32 -11.86
C PRO A 149 18.89 -13.07 -10.55
N LYS A 150 19.65 -12.57 -9.57
CA LYS A 150 20.11 -13.45 -8.50
C LYS A 150 19.09 -13.66 -7.39
N PHE A 151 18.17 -12.72 -7.16
CA PHE A 151 17.31 -12.77 -5.98
C PHE A 151 15.84 -12.92 -6.34
N ALA A 152 15.56 -13.72 -7.38
CA ALA A 152 14.18 -13.97 -7.77
C ALA A 152 13.40 -14.68 -6.65
N GLY A 153 14.06 -15.58 -5.93
CA GLY A 153 13.36 -16.29 -4.87
C GLY A 153 13.03 -15.47 -3.63
N ASP A 154 13.51 -14.23 -3.56
CA ASP A 154 13.13 -13.31 -2.49
C ASP A 154 11.79 -12.60 -2.72
N LEU A 155 11.16 -12.78 -3.88
CA LEU A 155 10.05 -11.95 -4.30
C LEU A 155 8.76 -12.74 -4.40
N PHE A 156 7.63 -12.03 -4.31
CA PHE A 156 6.34 -12.54 -4.76
C PHE A 156 6.20 -12.24 -6.25
N HIS A 157 5.86 -13.25 -7.04
CA HIS A 157 5.63 -13.09 -8.47
C HIS A 157 4.16 -13.36 -8.77
N THR A 158 3.61 -12.60 -9.71
CA THR A 158 2.24 -12.81 -10.16
C THR A 158 2.20 -13.76 -11.35
N ARG A 159 1.11 -14.48 -11.48
CA ARG A 159 0.82 -15.25 -12.69
C ARG A 159 0.38 -14.32 -13.82
N PRO A 160 0.41 -14.80 -15.06
CA PRO A 160 -0.11 -13.98 -16.16
C PRO A 160 -1.61 -13.83 -16.05
N LEU A 161 -2.11 -12.65 -16.45
CA LEU A 161 -3.54 -12.40 -16.43
C LEU A 161 -4.21 -13.24 -17.52
N GLU A 162 -5.28 -13.95 -17.15
CA GLU A 162 -6.12 -14.65 -18.10
C GLU A 162 -6.76 -13.64 -19.05
N GLU A 163 -6.13 -13.38 -20.19
CA GLU A 163 -6.68 -12.45 -21.17
C GLU A 163 -6.05 -12.76 -22.52
N GLU A 164 -6.51 -12.04 -23.54
CA GLU A 164 -5.98 -12.22 -24.89
C GLU A 164 -4.51 -11.80 -24.94
N ALA A 165 -4.26 -10.49 -24.99
CA ALA A 165 -2.92 -9.95 -25.25
C ALA A 165 -2.23 -9.51 -23.98
N ASP A 166 -2.43 -10.20 -22.85
CA ASP A 166 -1.72 -9.90 -21.62
C ASP A 166 -0.69 -10.99 -21.35
N THR A 167 0.58 -10.58 -21.24
CA THR A 167 1.71 -11.47 -21.02
C THR A 167 2.56 -10.96 -19.86
N SER A 168 1.92 -10.33 -18.87
CA SER A 168 2.63 -9.57 -17.86
C SER A 168 3.19 -10.49 -16.79
N ASN A 169 4.52 -10.51 -16.67
CA ASN A 169 5.21 -11.08 -15.52
C ASN A 169 5.58 -9.91 -14.62
N TYR A 170 4.81 -9.69 -13.57
CA TYR A 170 5.12 -8.68 -12.58
C TYR A 170 5.58 -9.34 -11.28
N ALA A 171 6.32 -8.58 -10.49
CA ALA A 171 6.66 -8.93 -9.14
C ALA A 171 6.19 -7.81 -8.22
N LEU A 172 5.80 -8.18 -6.99
N LEU A 172 5.82 -8.18 -7.00
CA LEU A 172 5.52 -7.19 -5.97
CA LEU A 172 5.52 -7.19 -5.97
C LEU A 172 6.82 -6.56 -5.50
C LEU A 172 6.82 -6.57 -5.47
N ILE A 173 6.79 -5.27 -5.20
CA ILE A 173 8.04 -4.58 -4.84
C ILE A 173 8.50 -5.00 -3.45
N PRO A 174 9.79 -5.34 -3.29
CA PRO A 174 10.31 -5.61 -1.94
C PRO A 174 10.70 -4.35 -1.18
N THR A 175 10.70 -3.20 -1.84
CA THR A 175 11.08 -1.92 -1.27
C THR A 175 10.84 -0.86 -2.34
N ALA A 176 10.47 0.36 -1.93
CA ALA A 176 10.29 1.43 -2.91
C ALA A 176 11.58 1.83 -3.60
N GLU A 177 12.73 1.37 -3.11
CA GLU A 177 13.98 1.58 -3.83
C GLU A 177 13.86 1.18 -5.29
N VAL A 178 13.15 0.10 -5.58
CA VAL A 178 13.08 -0.47 -6.93
C VAL A 178 12.38 0.51 -7.87
N PRO A 179 11.12 0.89 -7.62
CA PRO A 179 10.47 1.83 -8.57
C PRO A 179 11.08 3.22 -8.55
N LEU A 180 11.47 3.75 -7.39
CA LEU A 180 11.97 5.12 -7.33
C LEU A 180 13.28 5.27 -8.11
N THR A 181 14.22 4.35 -7.90
CA THR A 181 15.51 4.45 -8.58
C THR A 181 15.36 4.28 -10.08
N ASN A 182 14.42 3.46 -10.53
CA ASN A 182 14.20 3.22 -11.96
C ASN A 182 13.48 4.37 -12.66
N LEU A 183 13.05 5.40 -11.92
CA LEU A 183 12.46 6.56 -12.56
C LEU A 183 13.45 7.27 -13.48
N VAL A 184 14.77 7.10 -13.25
CA VAL A 184 15.77 7.71 -14.11
C VAL A 184 16.40 6.70 -15.07
N ARG A 185 15.84 5.50 -15.17
CA ARG A 185 16.36 4.53 -16.14
C ARG A 185 16.32 5.10 -17.55
N GLY A 186 17.43 5.00 -18.26
CA GLY A 186 17.49 5.47 -19.63
C GLY A 186 17.48 6.97 -19.81
N GLU A 187 17.64 7.76 -18.75
CA GLU A 187 17.61 9.21 -18.84
C GLU A 187 19.03 9.75 -18.84
N ILE A 188 19.19 10.92 -19.46
CA ILE A 188 20.42 11.70 -19.39
C ILE A 188 20.06 13.01 -18.73
N ILE A 189 20.67 13.28 -17.58
CA ILE A 189 20.23 14.33 -16.66
C ILE A 189 21.25 15.45 -16.66
N ASP A 190 20.76 16.69 -16.79
CA ASP A 190 21.61 17.86 -16.63
C ASP A 190 22.22 17.87 -15.25
N GLU A 191 23.55 18.03 -15.18
CA GLU A 191 24.22 18.05 -13.88
C GLU A 191 23.67 19.14 -12.97
N ASP A 192 23.11 20.20 -13.55
CA ASP A 192 22.55 21.27 -12.72
C ASP A 192 21.25 20.87 -12.05
N ASP A 193 20.56 19.84 -12.57
CA ASP A 193 19.34 19.35 -11.94
C ASP A 193 19.62 18.35 -10.82
N LEU A 194 20.89 17.97 -10.58
CA LEU A 194 21.24 17.07 -9.50
C LEU A 194 21.54 17.88 -8.23
N PRO A 195 21.30 17.33 -7.04
CA PRO A 195 20.77 15.98 -6.76
C PRO A 195 19.27 15.89 -6.89
N ILE A 196 18.77 14.71 -7.27
CA ILE A 196 17.35 14.39 -7.24
C ILE A 196 17.08 13.62 -5.94
N LYS A 197 16.12 14.08 -5.17
CA LYS A 197 15.80 13.52 -3.86
C LYS A 197 14.34 13.13 -3.83
N MET A 198 14.08 11.83 -3.66
CA MET A 198 12.73 11.29 -3.72
C MET A 198 12.43 10.45 -2.49
N THR A 199 11.17 10.48 -2.08
CA THR A 199 10.68 9.68 -0.97
C THR A 199 9.32 9.11 -1.32
N ALA A 200 9.02 7.94 -0.75
CA ALA A 200 7.71 7.33 -0.92
C ALA A 200 7.39 6.45 0.29
N HIS A 201 6.11 6.36 0.59
CA HIS A 201 5.56 5.42 1.57
C HIS A 201 4.86 4.29 0.80
N THR A 202 5.34 3.08 0.95
CA THR A 202 4.74 1.94 0.28
C THR A 202 4.65 0.76 1.20
N PRO A 203 3.77 -0.20 0.94
CA PRO A 203 3.93 -1.54 1.49
C PRO A 203 5.10 -2.20 0.80
N CYS A 204 5.72 -3.16 1.48
CA CYS A 204 6.86 -3.91 0.97
C CYS A 204 6.56 -5.39 1.16
N PHE A 205 6.84 -6.19 0.12
CA PHE A 205 6.52 -7.62 0.11
C PHE A 205 7.77 -8.46 -0.09
N ARG A 206 7.98 -9.42 0.81
CA ARG A 206 9.19 -10.23 0.78
C ARG A 206 8.86 -11.67 1.15
N SER A 207 9.43 -12.60 0.39
CA SER A 207 9.17 -14.01 0.64
C SER A 207 9.84 -14.46 1.93
N GLU A 208 10.94 -13.81 2.32
CA GLU A 208 11.69 -14.19 3.52
C GLU A 208 12.10 -15.66 3.45
N ALA A 209 12.50 -16.09 2.26
CA ALA A 209 12.92 -17.47 2.04
C ALA A 209 14.11 -17.81 2.93
N GLY A 210 14.02 -18.95 3.61
CA GLY A 210 15.13 -19.40 4.43
C GLY A 210 15.40 -18.55 5.65
N SER A 211 14.42 -17.79 6.12
CA SER A 211 14.52 -17.04 7.35
C SER A 211 13.63 -17.62 8.45
N TYR A 212 13.09 -18.82 8.25
CA TYR A 212 12.18 -19.39 9.22
C TYR A 212 12.95 -19.95 10.41
N GLY A 213 12.39 -19.73 11.60
CA GLY A 213 13.11 -19.94 12.84
C GLY A 213 13.39 -18.62 13.53
N ARG A 214 13.79 -17.61 12.75
CA ARG A 214 14.20 -16.32 13.31
C ARG A 214 13.03 -15.35 13.36
N ASP A 215 12.80 -14.77 14.53
CA ASP A 215 11.74 -13.76 14.73
C ASP A 215 10.38 -14.33 14.34
N THR A 216 10.01 -15.44 15.01
CA THR A 216 8.79 -16.14 14.64
C THR A 216 7.54 -15.38 15.08
N ARG A 217 7.60 -14.67 16.20
CA ARG A 217 6.47 -13.92 16.73
C ARG A 217 6.75 -12.42 16.67
N GLY A 218 5.74 -11.65 16.30
CA GLY A 218 5.80 -10.21 16.35
C GLY A 218 5.87 -9.58 14.97
N LEU A 219 6.21 -8.29 14.97
CA LEU A 219 6.23 -7.47 13.78
C LEU A 219 7.61 -7.35 13.13
N ILE A 220 8.64 -7.96 13.72
CA ILE A 220 10.01 -7.72 13.26
C ILE A 220 10.22 -8.22 11.84
N ARG A 221 9.66 -9.38 11.51
CA ARG A 221 9.92 -10.01 10.21
C ARG A 221 8.63 -10.52 9.59
N MET A 222 8.13 -9.81 8.60
CA MET A 222 6.82 -10.08 8.02
C MET A 222 6.92 -10.22 6.51
N HIS A 223 5.89 -10.81 5.92
CA HIS A 223 5.79 -10.85 4.47
C HIS A 223 5.37 -9.48 3.92
N GLN A 224 4.69 -8.68 4.73
CA GLN A 224 4.20 -7.37 4.31
C GLN A 224 4.49 -6.36 5.43
N PHE A 225 5.18 -5.28 5.08
CA PHE A 225 5.43 -4.21 6.04
C PHE A 225 5.50 -2.87 5.32
N ASP A 226 5.17 -1.80 6.03
CA ASP A 226 5.23 -0.45 5.49
C ASP A 226 6.60 0.16 5.74
N LYS A 227 7.09 0.92 4.78
CA LYS A 227 8.39 1.57 4.90
C LYS A 227 8.35 2.90 4.14
N VAL A 228 8.91 3.93 4.76
CA VAL A 228 9.16 5.21 4.11
C VAL A 228 10.60 5.21 3.63
N GLU A 229 10.79 5.31 2.31
CA GLU A 229 12.09 5.16 1.67
C GLU A 229 12.60 6.52 1.21
N MET A 230 13.92 6.71 1.32
CA MET A 230 14.62 7.85 0.75
C MET A 230 15.56 7.35 -0.35
N VAL A 231 15.57 8.06 -1.49
CA VAL A 231 16.48 7.77 -2.60
C VAL A 231 17.10 9.07 -3.08
N GLN A 232 18.37 9.03 -3.43
CA GLN A 232 19.06 10.18 -4.01
C GLN A 232 19.79 9.76 -5.28
N ILE A 233 19.70 10.59 -6.31
CA ILE A 233 20.50 10.50 -7.52
C ILE A 233 21.46 11.68 -7.49
N VAL A 234 22.78 11.41 -7.58
CA VAL A 234 23.77 12.45 -7.36
C VAL A 234 24.96 12.33 -8.31
N ARG A 235 25.71 13.43 -8.43
CA ARG A 235 26.98 13.42 -9.15
C ARG A 235 27.94 12.41 -8.52
N PRO A 236 28.80 11.78 -9.32
CA PRO A 236 29.74 10.80 -8.73
C PRO A 236 30.59 11.36 -7.60
N GLU A 237 31.02 12.61 -7.69
CA GLU A 237 31.90 13.14 -6.64
C GLU A 237 31.17 13.53 -5.37
N ASP A 238 29.83 13.58 -5.39
CA ASP A 238 29.07 13.97 -4.21
C ASP A 238 28.50 12.81 -3.40
N SER A 239 28.72 11.56 -3.82
CA SER A 239 27.91 10.47 -3.29
C SER A 239 28.29 10.13 -1.85
N MET A 240 29.59 10.18 -1.51
CA MET A 240 29.98 9.85 -0.14
C MET A 240 29.45 10.89 0.86
N ALA A 241 29.40 12.16 0.47
CA ALA A 241 28.82 13.19 1.33
C ALA A 241 27.31 13.03 1.43
N ALA A 242 26.66 12.67 0.32
CA ALA A 242 25.22 12.46 0.34
C ALA A 242 24.83 11.30 1.25
N LEU A 243 25.68 10.29 1.37
CA LEU A 243 25.41 9.19 2.30
C LEU A 243 25.37 9.69 3.74
N GLU A 244 26.32 10.57 4.12
CA GLU A 244 26.29 11.14 5.46
C GLU A 244 25.02 11.97 5.68
N GLU A 245 24.63 12.73 4.67
CA GLU A 245 23.42 13.55 4.78
C GLU A 245 22.17 12.68 4.93
N MET A 246 22.06 11.64 4.10
CA MET A 246 20.86 10.81 4.13
C MET A 246 20.75 10.03 5.43
N THR A 247 21.87 9.50 5.92
CA THR A 247 21.84 8.81 7.20
C THR A 247 21.41 9.74 8.32
N GLY A 248 21.87 11.00 8.29
CA GLY A 248 21.44 11.98 9.28
C GLY A 248 19.94 12.21 9.24
N HIS A 249 19.35 12.18 8.04
CA HIS A 249 17.90 12.37 7.92
C HIS A 249 17.14 11.25 8.64
N ALA A 250 17.63 10.02 8.55
CA ALA A 250 16.99 8.91 9.25
C ALA A 250 17.20 9.02 10.77
N GLU A 251 18.40 9.42 11.20
CA GLU A 251 18.65 9.60 12.63
C GLU A 251 17.71 10.64 13.23
N LYS A 252 17.38 11.68 12.45
CA LYS A 252 16.52 12.75 12.97
C LYS A 252 15.15 12.22 13.34
N VAL A 253 14.64 11.22 12.60
CA VAL A 253 13.37 10.59 12.96
C VAL A 253 13.47 9.97 14.35
N LEU A 254 14.52 9.18 14.58
CA LEU A 254 14.68 8.50 15.87
C LEU A 254 14.80 9.52 17.01
N GLN A 255 15.53 10.61 16.77
CA GLN A 255 15.73 11.61 17.82
C GLN A 255 14.44 12.33 18.17
N LEU A 256 13.68 12.74 17.16
CA LEU A 256 12.43 13.44 17.45
C LEU A 256 11.44 12.53 18.17
N LEU A 257 11.53 11.21 17.95
CA LEU A 257 10.66 10.28 18.67
C LEU A 257 11.22 9.89 20.03
N GLY A 258 12.47 10.28 20.32
CA GLY A 258 13.07 9.94 21.59
C GLY A 258 13.51 8.50 21.74
N LEU A 259 13.88 7.84 20.65
CA LEU A 259 14.26 6.44 20.70
C LEU A 259 15.78 6.31 20.72
N PRO A 260 16.36 5.70 21.75
CA PRO A 260 17.81 5.47 21.72
C PRO A 260 18.20 4.51 20.61
N TYR A 261 19.38 4.74 20.05
CA TYR A 261 19.85 3.95 18.92
C TYR A 261 21.37 3.97 18.86
N ARG A 262 21.93 3.15 17.96
CA ARG A 262 23.35 3.18 17.64
C ARG A 262 23.51 3.08 16.13
N LYS A 263 24.60 3.65 15.64
CA LYS A 263 24.93 3.64 14.21
C LYS A 263 26.17 2.80 14.01
N ILE A 264 26.08 1.85 13.06
CA ILE A 264 27.21 0.97 12.77
C ILE A 264 27.51 1.06 11.28
N ILE A 265 28.77 0.83 10.93
CA ILE A 265 29.18 0.65 9.54
C ILE A 265 29.42 -0.84 9.31
N LEU A 266 28.82 -1.37 8.25
CA LEU A 266 28.94 -2.80 7.97
C LEU A 266 30.31 -3.12 7.40
N CYS A 267 30.84 -4.30 7.76
CA CYS A 267 32.09 -4.77 7.17
C CYS A 267 31.82 -5.37 5.80
N THR A 268 32.91 -5.66 5.09
CA THR A 268 32.79 -6.17 3.72
C THR A 268 31.95 -7.44 3.65
N GLY A 269 32.09 -8.32 4.63
CA GLY A 269 31.40 -9.58 4.59
C GLY A 269 29.92 -9.53 4.89
N ASP A 270 29.42 -8.43 5.45
CA ASP A 270 28.03 -8.33 5.85
C ASP A 270 27.23 -7.38 4.96
N MET A 271 27.88 -6.70 4.02
CA MET A 271 27.21 -5.76 3.15
C MET A 271 26.27 -6.50 2.19
N GLY A 272 25.26 -5.76 1.72
CA GLY A 272 24.36 -6.28 0.72
C GLY A 272 24.96 -6.24 -0.69
N PHE A 273 24.22 -6.83 -1.64
CA PHE A 273 24.73 -7.11 -2.98
C PHE A 273 25.17 -5.85 -3.69
N GLY A 274 24.34 -4.81 -3.66
CA GLY A 274 24.61 -3.64 -4.47
C GLY A 274 25.36 -2.50 -3.82
N ALA A 275 25.60 -2.56 -2.53
CA ALA A 275 26.23 -1.44 -1.84
C ALA A 275 27.74 -1.49 -1.93
N CYS A 276 28.36 -0.32 -2.00
CA CYS A 276 29.78 -0.17 -1.72
C CYS A 276 30.06 0.32 -0.31
N LYS A 277 29.07 0.89 0.38
CA LYS A 277 29.22 1.33 1.76
C LYS A 277 27.83 1.47 2.39
N THR A 278 27.69 0.97 3.61
CA THR A 278 26.40 0.94 4.28
C THR A 278 26.53 1.28 5.76
N TYR A 279 25.68 2.19 6.22
CA TYR A 279 25.43 2.41 7.64
C TYR A 279 24.08 1.76 8.00
N ASP A 280 24.06 0.99 9.07
CA ASP A 280 22.82 0.55 9.70
C ASP A 280 22.55 1.37 10.96
N LEU A 281 21.27 1.66 11.20
CA LEU A 281 20.81 2.22 12.46
C LEU A 281 20.03 1.16 13.22
N GLU A 282 20.36 0.95 14.49
CA GLU A 282 19.73 -0.07 15.31
C GLU A 282 19.11 0.58 16.54
N VAL A 283 17.83 0.29 16.78
CA VAL A 283 17.06 0.95 17.83
C VAL A 283 16.91 0.00 19.02
N TRP A 284 16.83 0.59 20.21
CA TRP A 284 16.72 -0.20 21.43
C TRP A 284 15.34 -0.84 21.54
N ILE A 285 15.33 -2.15 21.77
CA ILE A 285 14.11 -2.92 21.94
C ILE A 285 14.12 -3.52 23.34
N PRO A 286 13.43 -2.90 24.31
CA PRO A 286 13.56 -3.33 25.71
C PRO A 286 13.32 -4.81 25.96
N ALA A 287 12.31 -5.41 25.34
CA ALA A 287 11.96 -6.79 25.66
C ALA A 287 12.98 -7.79 25.14
N GLN A 288 13.76 -7.43 24.12
CA GLN A 288 14.86 -8.28 23.68
C GLN A 288 16.20 -7.88 24.29
N ASN A 289 16.24 -6.79 25.05
CA ASN A 289 17.45 -6.34 25.74
C ASN A 289 18.62 -6.17 24.77
N THR A 290 18.35 -5.63 23.59
CA THR A 290 19.38 -5.38 22.60
C THR A 290 18.87 -4.35 21.59
N TYR A 291 19.75 -4.00 20.64
CA TYR A 291 19.43 -3.11 19.55
C TYR A 291 19.06 -3.95 18.32
N ARG A 292 18.06 -3.50 17.57
CA ARG A 292 17.65 -4.20 16.35
C ARG A 292 17.61 -3.23 15.16
N GLU A 293 18.02 -3.72 14.00
CA GLU A 293 18.06 -2.92 12.79
C GLU A 293 16.71 -2.27 12.49
N ILE A 294 16.76 -0.97 12.21
CA ILE A 294 15.56 -0.21 11.86
C ILE A 294 15.73 0.55 10.56
N SER A 295 16.95 0.69 10.06
CA SER A 295 17.21 1.39 8.81
C SER A 295 18.54 0.92 8.26
N SER A 296 18.64 0.91 6.93
CA SER A 296 19.90 0.62 6.24
C SER A 296 20.08 1.68 5.16
N CYS A 297 21.21 2.37 5.18
CA CYS A 297 21.50 3.48 4.29
C CYS A 297 22.76 3.16 3.51
N SER A 298 22.67 3.19 2.18
CA SER A 298 23.75 2.70 1.35
C SER A 298 24.10 3.64 0.20
N ASN A 299 25.39 3.77 -0.05
CA ASN A 299 25.91 4.31 -1.31
C ASN A 299 26.06 3.12 -2.27
N VAL A 300 25.43 3.21 -3.44
CA VAL A 300 25.47 2.12 -4.43
C VAL A 300 26.47 2.41 -5.53
N TRP A 301 27.12 3.56 -5.51
CA TRP A 301 28.13 3.93 -6.53
C TRP A 301 27.42 3.93 -7.89
N ASP A 302 28.07 3.47 -8.96
CA ASP A 302 27.50 3.45 -10.30
C ASP A 302 26.97 2.07 -10.68
N PHE A 303 26.73 1.21 -9.69
CA PHE A 303 26.39 -0.19 -9.94
C PHE A 303 25.01 -0.32 -10.58
N GLN A 304 24.00 0.35 -10.01
CA GLN A 304 22.67 0.35 -10.61
C GLN A 304 22.64 1.25 -11.84
N ALA A 305 23.31 2.40 -11.79
CA ALA A 305 23.32 3.34 -12.90
C ALA A 305 23.82 2.70 -14.18
N ARG A 306 24.78 1.77 -14.08
CA ARG A 306 25.32 1.11 -15.26
C ARG A 306 24.28 0.18 -15.89
N ARG A 307 23.59 -0.61 -15.07
CA ARG A 307 22.53 -1.46 -15.60
C ARG A 307 21.40 -0.62 -16.21
N MET A 308 21.09 0.52 -15.62
CA MET A 308 20.03 1.39 -16.08
C MET A 308 20.48 2.39 -17.14
N GLN A 309 21.78 2.51 -17.38
CA GLN A 309 22.35 3.56 -18.22
C GLN A 309 21.71 4.92 -17.91
N ALA A 310 21.77 5.30 -16.64
CA ALA A 310 21.37 6.63 -16.19
C ALA A 310 22.62 7.48 -16.10
N ARG A 311 22.63 8.58 -16.84
CA ARG A 311 23.82 9.39 -17.03
C ARG A 311 23.52 10.84 -16.72
N CYS A 312 24.59 11.61 -16.47
CA CYS A 312 24.50 13.05 -16.33
C CYS A 312 25.46 13.72 -17.31
N ARG A 313 25.14 14.97 -17.64
CA ARG A 313 25.86 15.73 -18.65
C ARG A 313 26.27 17.07 -18.06
N SER A 314 27.55 17.42 -18.21
CA SER A 314 28.03 18.72 -17.77
C SER A 314 27.62 19.82 -18.75
N LYS A 315 27.57 21.05 -18.24
CA LYS A 315 27.14 22.18 -19.07
C LYS A 315 28.26 22.65 -20.01
N SER A 316 29.52 22.48 -19.61
CA SER A 316 30.64 22.88 -20.45
C SER A 316 30.77 21.94 -21.64
N ASP A 317 31.49 20.83 -21.46
CA ASP A 317 31.53 19.82 -22.51
C ASP A 317 30.24 19.00 -22.49
N LYS A 318 29.91 18.42 -23.64
CA LYS A 318 28.73 17.58 -23.78
C LYS A 318 29.02 16.13 -23.42
N LYS A 319 30.11 15.86 -22.71
CA LYS A 319 30.43 14.50 -22.27
C LYS A 319 29.50 14.07 -21.15
N THR A 320 29.19 12.77 -21.13
CA THR A 320 28.30 12.20 -20.14
C THR A 320 29.05 11.14 -19.33
N ARG A 321 28.50 10.85 -18.16
CA ARG A 321 29.05 9.80 -17.29
C ARG A 321 27.93 9.30 -16.38
N LEU A 322 28.16 8.11 -15.83
CA LEU A 322 27.17 7.49 -14.97
C LEU A 322 26.98 8.29 -13.68
N VAL A 323 25.72 8.40 -13.25
CA VAL A 323 25.41 8.98 -11.94
C VAL A 323 25.69 7.94 -10.86
N HIS A 324 25.62 8.36 -9.60
CA HIS A 324 25.58 7.46 -8.45
C HIS A 324 24.18 7.49 -7.86
N THR A 325 23.79 6.38 -7.24
CA THR A 325 22.49 6.28 -6.57
C THR A 325 22.69 5.88 -5.11
N LEU A 326 21.73 6.28 -4.27
CA LEU A 326 21.71 5.96 -2.85
C LEU A 326 20.29 5.67 -2.41
N ASN A 327 20.16 4.84 -1.37
CA ASN A 327 18.85 4.56 -0.79
C ASN A 327 19.01 4.30 0.70
N GLY A 328 17.95 4.59 1.45
CA GLY A 328 17.96 4.36 2.88
C GLY A 328 16.56 4.44 3.47
N SER A 329 16.36 3.67 4.53
CA SER A 329 15.07 3.64 5.22
C SER A 329 14.94 4.82 6.17
N GLY A 330 13.79 5.50 6.12
CA GLY A 330 13.53 6.60 7.04
C GLY A 330 12.11 6.74 7.56
N LEU A 331 11.50 5.72 8.16
CA LEU A 331 12.13 4.46 8.53
C LEU A 331 11.22 3.28 8.11
N ALA A 332 11.61 2.05 8.45
CA ALA A 332 10.66 0.94 8.42
C ALA A 332 9.61 1.17 9.49
N VAL A 333 8.34 1.26 9.09
CA VAL A 333 7.30 1.74 10.00
C VAL A 333 6.94 0.69 11.04
N GLY A 334 6.82 -0.57 10.63
CA GLY A 334 6.45 -1.62 11.57
C GLY A 334 7.44 -1.77 12.71
N ARG A 335 8.74 -1.72 12.41
CA ARG A 335 9.74 -1.83 13.47
C ARG A 335 9.78 -0.56 14.33
N THR A 336 9.47 0.59 13.75
CA THR A 336 9.35 1.80 14.57
C THR A 336 8.18 1.69 15.55
N LEU A 337 7.05 1.15 15.10
CA LEU A 337 5.92 0.90 16.01
C LEU A 337 6.34 -0.01 17.15
N VAL A 338 7.11 -1.06 16.87
CA VAL A 338 7.58 -1.93 17.96
C VAL A 338 8.38 -1.12 18.98
N ALA A 339 9.27 -0.25 18.49
CA ALA A 339 10.15 0.48 19.39
C ALA A 339 9.38 1.51 20.21
N VAL A 340 8.40 2.17 19.60
CA VAL A 340 7.58 3.13 20.35
C VAL A 340 6.77 2.40 21.43
N MET A 341 6.14 1.28 21.07
CA MET A 341 5.27 0.58 22.02
C MET A 341 6.05 0.12 23.26
N GLU A 342 7.26 -0.41 23.07
CA GLU A 342 7.98 -0.97 24.19
C GLU A 342 8.73 0.08 25.00
N ASN A 343 9.22 1.13 24.34
CA ASN A 343 9.98 2.15 25.06
C ASN A 343 9.07 3.13 25.81
N TYR A 344 7.83 3.28 25.39
CA TYR A 344 6.91 4.24 26.01
C TYR A 344 5.83 3.57 26.84
N GLN A 345 5.96 2.28 27.15
CA GLN A 345 4.97 1.62 27.98
C GLN A 345 5.08 2.10 29.43
N GLN A 346 3.96 2.04 30.14
CA GLN A 346 3.84 2.49 31.53
C GLN A 346 3.51 1.31 32.43
N ALA A 347 3.60 1.56 33.74
CA ALA A 347 3.44 0.48 34.71
C ALA A 347 2.01 -0.07 34.69
N ASP A 348 1.03 0.78 34.39
CA ASP A 348 -0.35 0.34 34.33
C ASP A 348 -0.73 -0.27 32.98
N GLY A 349 0.25 -0.53 32.11
CA GLY A 349 -0.02 -1.14 30.83
C GLY A 349 -0.39 -0.19 29.71
N ARG A 350 -0.54 1.09 29.99
CA ARG A 350 -0.81 2.05 28.94
C ARG A 350 0.48 2.44 28.22
N ILE A 351 0.32 2.97 27.02
CA ILE A 351 1.44 3.40 26.19
C ILE A 351 1.33 4.90 25.98
N GLU A 352 2.35 5.63 26.43
CA GLU A 352 2.37 7.08 26.23
C GLU A 352 2.61 7.38 24.74
N VAL A 353 1.85 8.32 24.20
CA VAL A 353 1.98 8.71 22.80
C VAL A 353 3.11 9.72 22.71
N PRO A 354 4.18 9.45 21.95
CA PRO A 354 5.26 10.43 21.85
C PRO A 354 4.73 11.80 21.43
N GLU A 355 5.34 12.84 21.99
CA GLU A 355 4.86 14.20 21.81
C GLU A 355 4.66 14.56 20.34
N VAL A 356 5.63 14.22 19.50
N VAL A 356 5.63 14.22 19.50
CA VAL A 356 5.57 14.66 18.11
CA VAL A 356 5.58 14.64 18.10
C VAL A 356 4.48 13.95 17.32
C VAL A 356 4.51 13.92 17.31
N LEU A 357 3.91 12.87 17.86
CA LEU A 357 2.84 12.18 17.16
C LEU A 357 1.44 12.64 17.54
N ARG A 358 1.30 13.33 18.68
CA ARG A 358 -0.03 13.71 19.16
C ARG A 358 -0.83 14.52 18.14
N PRO A 359 -0.24 15.47 17.42
CA PRO A 359 -1.03 16.18 16.39
C PRO A 359 -1.61 15.28 15.31
N TYR A 360 -0.97 14.13 15.05
CA TYR A 360 -1.45 13.19 14.04
C TYR A 360 -2.46 12.21 14.61
N MET A 361 -2.75 12.31 15.91
CA MET A 361 -3.65 11.38 16.58
C MET A 361 -4.74 12.13 17.36
N ASN A 362 -5.10 13.33 16.90
CA ASN A 362 -6.21 14.08 17.47
C ASN A 362 -5.98 14.39 18.95
N GLY A 363 -4.74 14.67 19.30
CA GLY A 363 -4.38 15.05 20.65
C GLY A 363 -4.21 13.92 21.64
N LEU A 364 -4.41 12.67 21.23
CA LEU A 364 -4.38 11.56 22.17
C LEU A 364 -3.05 11.52 22.90
N GLU A 365 -3.10 11.31 24.22
CA GLU A 365 -1.91 11.28 25.04
C GLU A 365 -1.48 9.88 25.46
N TYR A 366 -2.42 8.95 25.60
CA TYR A 366 -2.11 7.58 25.99
C TYR A 366 -2.96 6.62 25.18
N ILE A 367 -2.38 5.47 24.86
CA ILE A 367 -3.11 4.36 24.29
C ILE A 367 -3.57 3.48 25.46
N GLY A 368 -4.85 3.19 25.50
CA GLY A 368 -5.40 2.34 26.53
C GLY A 368 -6.16 3.09 27.59
N MET B 1 -23.94 -17.38 -0.88
CA MET B 1 -24.83 -18.43 -1.34
C MET B 1 -26.22 -18.23 -0.74
N LEU B 2 -27.23 -18.73 -1.45
CA LEU B 2 -28.62 -18.61 -1.01
C LEU B 2 -28.98 -19.69 0.01
N ASP B 3 -30.05 -19.45 0.75
CA ASP B 3 -30.54 -20.40 1.74
C ASP B 3 -30.99 -21.69 1.06
N PRO B 4 -30.43 -22.85 1.41
CA PRO B 4 -30.85 -24.09 0.72
C PRO B 4 -32.28 -24.48 1.06
N ASN B 5 -32.76 -24.20 2.28
CA ASN B 5 -34.16 -24.40 2.61
C ASN B 5 -35.07 -23.65 1.62
N LEU B 6 -34.69 -22.42 1.28
CA LEU B 6 -35.51 -21.60 0.41
C LEU B 6 -35.55 -22.16 -1.01
N LEU B 7 -34.44 -22.72 -1.48
CA LEU B 7 -34.44 -23.34 -2.81
C LEU B 7 -35.30 -24.59 -2.85
N ARG B 8 -35.44 -25.29 -1.72
CA ARG B 8 -36.28 -26.48 -1.66
C ARG B 8 -37.76 -26.12 -1.61
N ASN B 9 -38.14 -25.32 -0.60
CA ASN B 9 -39.55 -25.04 -0.35
C ASN B 9 -40.17 -24.08 -1.36
N GLU B 10 -39.37 -23.31 -2.09
CA GLU B 10 -39.93 -22.27 -2.94
C GLU B 10 -39.13 -22.06 -4.21
N PRO B 11 -38.86 -23.12 -4.98
CA PRO B 11 -38.08 -22.93 -6.21
C PRO B 11 -38.70 -21.92 -7.15
N ASP B 12 -40.04 -21.81 -7.15
CA ASP B 12 -40.72 -20.88 -8.06
C ASP B 12 -40.39 -19.44 -7.69
N ALA B 13 -40.68 -19.05 -6.44
CA ALA B 13 -40.37 -17.70 -5.99
C ALA B 13 -38.91 -17.34 -6.26
N VAL B 14 -38.00 -18.28 -5.99
CA VAL B 14 -36.57 -17.98 -6.13
C VAL B 14 -36.21 -17.80 -7.60
N ALA B 15 -36.69 -18.70 -8.46
CA ALA B 15 -36.32 -18.63 -9.87
C ALA B 15 -36.86 -17.35 -10.52
N GLU B 16 -37.95 -16.81 -9.97
CA GLU B 16 -38.56 -15.62 -10.51
C GLU B 16 -37.76 -14.37 -10.15
N LYS B 17 -37.43 -14.21 -8.86
CA LYS B 17 -36.57 -13.10 -8.45
C LYS B 17 -35.24 -13.12 -9.19
N LEU B 18 -34.68 -14.31 -9.41
CA LEU B 18 -33.41 -14.39 -10.13
C LEU B 18 -33.58 -14.02 -11.60
N ALA B 19 -34.75 -14.31 -12.17
CA ALA B 19 -35.02 -13.92 -13.55
C ALA B 19 -34.94 -12.40 -13.70
N ARG B 20 -35.41 -11.65 -12.68
CA ARG B 20 -35.38 -10.19 -12.74
C ARG B 20 -33.98 -9.66 -13.03
N ARG B 21 -32.95 -10.31 -12.48
CA ARG B 21 -31.59 -9.89 -12.73
C ARG B 21 -30.92 -10.68 -13.83
N GLY B 22 -31.72 -11.32 -14.70
CA GLY B 22 -31.19 -11.92 -15.91
C GLY B 22 -30.46 -13.24 -15.72
N PHE B 23 -30.85 -14.04 -14.75
CA PHE B 23 -30.18 -15.29 -14.43
C PHE B 23 -31.20 -16.41 -14.53
N LYS B 24 -30.94 -17.38 -15.42
CA LYS B 24 -31.85 -18.50 -15.63
C LYS B 24 -31.46 -19.65 -14.69
N LEU B 25 -32.30 -19.90 -13.69
CA LEU B 25 -32.08 -20.98 -12.75
C LEU B 25 -32.77 -22.23 -13.27
N ASP B 26 -31.98 -23.22 -13.71
CA ASP B 26 -32.54 -24.47 -14.22
C ASP B 26 -33.45 -25.12 -13.18
N ASP B 36 -21.46 -26.81 -5.14
CA ASP B 36 -20.43 -26.04 -5.85
C ASP B 36 -21.06 -25.18 -6.94
N ILE B 37 -22.11 -25.72 -7.58
CA ILE B 37 -22.90 -24.92 -8.51
C ILE B 37 -23.71 -23.87 -7.74
N ALA B 38 -24.05 -24.17 -6.48
CA ALA B 38 -24.74 -23.20 -5.63
C ALA B 38 -23.93 -21.92 -5.45
N LEU B 39 -22.60 -21.99 -5.56
CA LEU B 39 -21.74 -20.84 -5.34
C LEU B 39 -21.62 -19.94 -6.55
N THR B 40 -22.30 -20.26 -7.64
CA THR B 40 -22.33 -19.43 -8.84
C THR B 40 -23.60 -18.62 -8.97
N ILE B 41 -24.53 -18.77 -8.02
CA ILE B 41 -25.84 -18.13 -8.08
C ILE B 41 -25.80 -16.76 -7.41
N PRO B 42 -26.21 -15.70 -8.10
CA PRO B 42 -26.18 -14.36 -7.48
C PRO B 42 -27.26 -14.20 -6.42
N ASN B 43 -27.14 -13.09 -5.68
CA ASN B 43 -28.04 -12.80 -4.56
C ASN B 43 -29.43 -12.43 -5.06
N LEU B 44 -30.41 -12.57 -4.19
CA LEU B 44 -31.80 -12.22 -4.52
C LEU B 44 -31.99 -10.72 -4.38
N PRO B 45 -32.52 -10.04 -5.40
CA PRO B 45 -32.76 -8.61 -5.27
C PRO B 45 -33.90 -8.31 -4.29
N ALA B 46 -33.75 -7.19 -3.58
CA ALA B 46 -34.80 -6.72 -2.68
C ALA B 46 -35.99 -6.22 -3.49
N ASP B 47 -37.16 -6.20 -2.85
CA ASP B 47 -38.39 -5.90 -3.57
C ASP B 47 -38.40 -4.50 -4.16
N GLU B 48 -37.82 -3.52 -3.45
CA GLU B 48 -37.85 -2.15 -3.90
C GLU B 48 -36.86 -1.83 -5.01
N VAL B 49 -36.08 -2.80 -5.47
CA VAL B 49 -35.08 -2.53 -6.50
C VAL B 49 -35.79 -2.50 -7.86
N PRO B 50 -35.59 -1.47 -8.68
CA PRO B 50 -36.27 -1.44 -9.98
C PRO B 50 -35.76 -2.53 -10.90
N VAL B 51 -36.69 -3.09 -11.69
CA VAL B 51 -36.35 -4.12 -12.66
C VAL B 51 -35.79 -3.45 -13.90
N GLY B 52 -34.71 -4.01 -14.43
CA GLY B 52 -34.04 -3.41 -15.57
C GLY B 52 -32.97 -4.33 -16.09
N LYS B 53 -32.45 -3.99 -17.27
CA LYS B 53 -31.49 -4.83 -17.99
C LYS B 53 -30.06 -4.36 -17.82
N ASP B 54 -29.81 -3.07 -17.96
CA ASP B 54 -28.45 -2.54 -17.87
C ASP B 54 -28.51 -1.15 -17.23
N GLU B 55 -27.44 -0.38 -17.36
CA GLU B 55 -27.33 0.87 -16.61
C GLU B 55 -28.29 1.94 -17.10
N ASN B 56 -28.89 1.77 -18.28
CA ASN B 56 -29.89 2.70 -18.76
C ASN B 56 -31.18 2.64 -17.95
N ASP B 57 -31.36 1.60 -17.16
CA ASP B 57 -32.56 1.43 -16.35
C ASP B 57 -32.32 1.72 -14.87
N ASN B 58 -31.16 2.29 -14.53
CA ASN B 58 -30.96 2.76 -13.16
C ASN B 58 -31.78 4.02 -12.92
N VAL B 59 -32.08 4.28 -11.66
CA VAL B 59 -33.05 5.29 -11.28
C VAL B 59 -32.39 6.34 -10.39
N GLU B 60 -32.49 7.60 -10.80
CA GLU B 60 -31.95 8.69 -10.00
C GLU B 60 -32.88 8.96 -8.82
N VAL B 61 -32.28 9.17 -7.65
CA VAL B 61 -33.02 9.36 -6.42
C VAL B 61 -32.97 10.82 -5.95
N SER B 62 -31.83 11.48 -6.10
CA SER B 62 -31.68 12.87 -5.65
C SER B 62 -30.36 13.42 -6.16
N ARG B 63 -30.18 14.73 -6.00
CA ARG B 63 -28.92 15.40 -6.27
C ARG B 63 -28.62 16.36 -5.13
N TRP B 64 -27.36 16.80 -5.09
CA TRP B 64 -26.88 17.77 -4.11
C TRP B 64 -25.89 18.66 -4.83
N GLY B 65 -26.04 19.98 -4.66
CA GLY B 65 -25.13 20.94 -5.23
C GLY B 65 -25.36 21.13 -6.73
N THR B 66 -24.75 22.19 -7.24
CA THR B 66 -24.88 22.60 -8.64
C THR B 66 -23.52 22.64 -9.31
N PRO B 67 -23.35 22.01 -10.48
CA PRO B 67 -22.06 22.10 -11.17
C PRO B 67 -21.65 23.55 -11.36
N ARG B 68 -20.35 23.80 -11.21
CA ARG B 68 -19.80 25.14 -11.36
C ARG B 68 -19.72 25.52 -12.83
N GLU B 69 -20.05 26.77 -13.12
CA GLU B 69 -20.03 27.29 -14.48
C GLU B 69 -18.68 27.95 -14.76
N PHE B 70 -18.05 27.55 -15.87
CA PHE B 70 -16.69 27.98 -16.18
C PHE B 70 -16.74 29.04 -17.28
N ASP B 71 -16.02 30.14 -17.06
CA ASP B 71 -15.85 31.18 -18.06
C ASP B 71 -14.50 31.07 -18.78
N PHE B 72 -13.88 29.89 -18.76
CA PHE B 72 -12.72 29.59 -19.57
C PHE B 72 -12.84 28.15 -20.05
N GLU B 73 -11.94 27.74 -20.93
CA GLU B 73 -11.99 26.38 -21.44
C GLU B 73 -11.49 25.41 -20.37
N VAL B 74 -12.25 24.34 -20.16
CA VAL B 74 -11.98 23.40 -19.09
C VAL B 74 -10.84 22.48 -19.51
N ARG B 75 -9.88 22.29 -18.61
CA ARG B 75 -8.81 21.32 -18.79
C ARG B 75 -9.16 20.05 -18.01
N ASP B 76 -8.81 18.90 -18.57
CA ASP B 76 -9.01 17.64 -17.86
C ASP B 76 -7.85 17.36 -16.90
N HIS B 77 -8.03 16.33 -16.06
CA HIS B 77 -7.07 16.06 -15.01
C HIS B 77 -5.73 15.57 -15.52
N VAL B 78 -5.69 14.98 -16.72
CA VAL B 78 -4.42 14.55 -17.29
C VAL B 78 -3.61 15.76 -17.74
N THR B 79 -4.23 16.68 -18.46
CA THR B 79 -3.55 17.91 -18.85
C THR B 79 -3.08 18.68 -17.61
N LEU B 80 -3.97 18.85 -16.62
CA LEU B 80 -3.57 19.54 -15.40
C LEU B 80 -2.44 18.81 -14.70
N GLY B 81 -2.50 17.48 -14.64
CA GLY B 81 -1.45 16.73 -13.99
C GLY B 81 -0.11 16.92 -14.66
N GLU B 82 -0.11 17.03 -15.99
CA GLU B 82 1.15 17.15 -16.72
C GLU B 82 1.74 18.54 -16.64
N MET B 83 0.91 19.60 -16.56
CA MET B 83 1.53 20.92 -16.48
C MET B 83 2.18 21.13 -15.12
N HIS B 84 1.63 20.53 -14.07
CA HIS B 84 2.22 20.62 -12.75
C HIS B 84 3.24 19.52 -12.48
N SER B 85 3.60 18.74 -13.51
CA SER B 85 4.54 17.63 -13.35
C SER B 85 4.16 16.73 -12.18
N GLY B 86 2.88 16.41 -12.08
CA GLY B 86 2.34 15.73 -10.93
C GLY B 86 1.74 14.37 -11.23
N LEU B 87 1.35 14.15 -12.49
CA LEU B 87 0.94 12.84 -12.99
C LEU B 87 1.85 12.48 -14.15
N ASP B 88 2.44 11.28 -14.10
CA ASP B 88 3.42 10.83 -15.09
C ASP B 88 3.07 9.39 -15.47
N PHE B 89 2.31 9.25 -16.57
CA PHE B 89 1.88 7.94 -17.03
C PHE B 89 2.95 7.20 -17.80
N ALA B 90 3.86 7.92 -18.46
CA ALA B 90 4.91 7.25 -19.23
C ALA B 90 5.91 6.57 -18.31
N ALA B 91 6.31 7.23 -17.22
CA ALA B 91 7.18 6.61 -16.24
C ALA B 91 6.57 5.31 -15.70
N ALA B 92 5.25 5.27 -15.53
CA ALA B 92 4.61 4.06 -15.01
C ALA B 92 4.71 2.93 -16.02
N VAL B 93 4.59 3.25 -17.31
CA VAL B 93 4.75 2.22 -18.34
C VAL B 93 6.16 1.65 -18.30
N LYS B 94 7.16 2.52 -18.12
CA LYS B 94 8.54 2.07 -18.02
C LYS B 94 8.76 1.18 -16.79
N LEU B 95 8.16 1.54 -15.65
CA LEU B 95 8.36 0.74 -14.44
C LEU B 95 7.61 -0.58 -14.52
N THR B 96 6.41 -0.56 -15.10
CA THR B 96 5.45 -1.65 -14.97
C THR B 96 4.77 -1.92 -16.29
N GLY B 97 3.77 -1.10 -16.63
CA GLY B 97 2.99 -1.28 -17.83
C GLY B 97 1.86 -0.27 -17.86
N SER B 98 0.97 -0.46 -18.84
CA SER B 98 -0.13 0.50 -18.98
C SER B 98 -1.15 0.31 -17.87
N ARG B 99 -1.93 1.35 -17.63
CA ARG B 99 -2.94 1.40 -16.57
C ARG B 99 -2.33 1.51 -15.18
N PHE B 100 -1.10 2.00 -15.07
CA PHE B 100 -0.47 2.37 -13.82
C PHE B 100 -0.12 3.85 -13.91
N VAL B 101 0.14 4.47 -12.76
CA VAL B 101 0.52 5.87 -12.74
C VAL B 101 1.59 6.12 -11.67
N VAL B 102 2.42 7.14 -11.92
CA VAL B 102 3.31 7.73 -10.94
C VAL B 102 2.80 9.14 -10.66
N MET B 103 2.60 9.46 -9.38
CA MET B 103 2.22 10.79 -8.94
C MET B 103 3.40 11.42 -8.21
N LYS B 104 3.56 12.74 -8.38
CA LYS B 104 4.73 13.44 -7.85
C LYS B 104 4.33 14.76 -7.22
N GLY B 105 5.10 15.15 -6.20
CA GLY B 105 5.02 16.50 -5.68
C GLY B 105 3.70 16.80 -5.01
N GLN B 106 3.20 18.01 -5.27
CA GLN B 106 1.98 18.48 -4.62
C GLN B 106 0.77 17.64 -4.98
N ILE B 107 0.71 17.10 -6.20
CA ILE B 107 -0.41 16.23 -6.56
C ILE B 107 -0.37 14.94 -5.73
N ALA B 108 0.82 14.36 -5.55
CA ALA B 108 0.96 13.19 -4.68
C ALA B 108 0.50 13.51 -3.26
N ARG B 109 0.89 14.68 -2.75
CA ARG B 109 0.51 15.06 -1.39
C ARG B 109 -1.01 15.25 -1.27
N MET B 110 -1.66 15.79 -2.30
CA MET B 110 -3.11 15.95 -2.22
C MET B 110 -3.80 14.58 -2.23
N HIS B 111 -3.29 13.64 -3.04
CA HIS B 111 -3.79 12.27 -3.02
C HIS B 111 -3.68 11.65 -1.62
N ARG B 112 -2.54 11.86 -0.96
CA ARG B 112 -2.38 11.37 0.41
C ARG B 112 -3.31 12.09 1.37
N ALA B 113 -3.42 13.40 1.25
CA ALA B 113 -4.28 14.17 2.17
C ALA B 113 -5.74 13.73 2.04
N LEU B 114 -6.19 13.42 0.84
CA LEU B 114 -7.57 12.93 0.66
C LEU B 114 -7.83 11.70 1.52
N SER B 115 -6.90 10.73 1.49
CA SER B 115 -7.12 9.49 2.24
C SER B 115 -7.12 9.76 3.74
N GLN B 116 -6.25 10.65 4.21
CA GLN B 116 -6.20 10.95 5.64
C GLN B 116 -7.46 11.66 6.12
N PHE B 117 -7.94 12.63 5.35
CA PHE B 117 -9.20 13.32 5.69
C PHE B 117 -10.36 12.34 5.79
N MET B 118 -10.48 11.42 4.82
CA MET B 118 -11.57 10.44 4.86
C MET B 118 -11.47 9.53 6.08
N LEU B 119 -10.27 8.98 6.31
CA LEU B 119 -10.08 8.09 7.45
C LEU B 119 -10.39 8.81 8.76
N ASP B 120 -9.88 10.03 8.94
CA ASP B 120 -10.17 10.78 10.17
C ASP B 120 -11.67 11.04 10.34
N LEU B 121 -12.37 11.39 9.25
CA LEU B 121 -13.79 11.65 9.33
C LEU B 121 -14.57 10.42 9.80
N HIS B 122 -14.30 9.27 9.19
CA HIS B 122 -15.10 8.09 9.50
C HIS B 122 -14.82 7.57 10.90
N THR B 123 -13.58 7.70 11.38
CA THR B 123 -13.25 7.18 12.70
C THR B 123 -13.60 8.17 13.82
N GLU B 124 -13.47 9.47 13.58
CA GLU B 124 -13.72 10.46 14.61
C GLU B 124 -15.18 10.88 14.70
N GLN B 125 -15.91 10.92 13.59
CA GLN B 125 -17.30 11.38 13.58
C GLN B 125 -18.32 10.27 13.36
N HIS B 126 -18.02 9.29 12.50
CA HIS B 126 -19.02 8.33 12.07
C HIS B 126 -18.96 7.01 12.83
N GLY B 127 -18.03 6.86 13.76
CA GLY B 127 -18.01 5.69 14.63
C GLY B 127 -17.37 4.44 14.06
N TYR B 128 -16.56 4.53 13.02
CA TYR B 128 -15.91 3.36 12.44
C TYR B 128 -14.56 3.12 13.12
N SER B 129 -14.22 1.85 13.27
CA SER B 129 -12.93 1.46 13.81
C SER B 129 -11.94 1.27 12.68
N GLU B 130 -10.75 1.83 12.82
CA GLU B 130 -9.72 1.77 11.78
C GLU B 130 -8.93 0.46 11.85
N ASN B 131 -8.56 -0.07 10.68
CA ASN B 131 -7.84 -1.33 10.58
C ASN B 131 -6.75 -1.22 9.53
N TYR B 132 -5.62 -1.88 9.80
CA TYR B 132 -4.58 -2.16 8.81
C TYR B 132 -4.65 -3.65 8.48
N VAL B 133 -4.76 -4.00 7.20
CA VAL B 133 -5.08 -5.37 6.81
C VAL B 133 -4.06 -5.86 5.80
N PRO B 134 -3.96 -7.18 5.63
CA PRO B 134 -3.15 -7.73 4.53
C PRO B 134 -3.72 -7.39 3.17
N TYR B 135 -2.82 -7.16 2.21
CA TYR B 135 -3.18 -6.90 0.82
C TYR B 135 -3.11 -8.16 -0.03
N LEU B 136 -2.67 -9.28 0.54
CA LEU B 136 -2.77 -10.61 -0.05
C LEU B 136 -3.73 -11.41 0.83
N VAL B 137 -4.58 -12.23 0.19
CA VAL B 137 -5.49 -13.09 0.93
C VAL B 137 -5.53 -14.47 0.29
N ASN B 138 -5.98 -15.46 1.08
CA ASN B 138 -6.07 -16.83 0.62
C ASN B 138 -7.46 -17.11 -0.02
N GLN B 139 -7.63 -18.34 -0.52
CA GLN B 139 -8.82 -18.66 -1.30
C GLN B 139 -10.07 -18.76 -0.43
N ASP B 140 -9.95 -19.26 0.80
CA ASP B 140 -11.11 -19.29 1.68
C ASP B 140 -11.71 -17.90 1.86
N THR B 141 -10.85 -16.89 2.00
CA THR B 141 -11.33 -15.51 2.13
C THR B 141 -12.04 -15.05 0.86
N LEU B 142 -11.48 -15.37 -0.31
CA LEU B 142 -12.12 -14.97 -1.56
C LEU B 142 -13.47 -15.67 -1.73
N TYR B 143 -13.55 -16.95 -1.37
CA TYR B 143 -14.86 -17.61 -1.37
C TYR B 143 -15.84 -16.94 -0.42
N GLY B 144 -15.35 -16.51 0.75
CA GLY B 144 -16.22 -15.96 1.76
C GLY B 144 -17.02 -14.76 1.28
N THR B 145 -16.37 -13.86 0.53
CA THR B 145 -17.04 -12.65 0.08
C THR B 145 -17.53 -12.75 -1.36
N GLY B 146 -17.32 -13.88 -2.03
CA GLY B 146 -17.98 -14.14 -3.29
C GLY B 146 -17.16 -13.92 -4.53
N GLN B 147 -15.91 -13.46 -4.40
CA GLN B 147 -15.07 -13.30 -5.59
C GLN B 147 -14.77 -14.64 -6.24
N LEU B 148 -14.69 -15.70 -5.46
CA LEU B 148 -14.58 -17.05 -5.99
C LEU B 148 -15.91 -17.79 -5.79
N PRO B 149 -16.26 -18.71 -6.68
CA PRO B 149 -15.45 -19.20 -7.82
C PRO B 149 -15.54 -18.40 -9.11
N LYS B 150 -16.50 -17.49 -9.27
CA LYS B 150 -16.83 -17.02 -10.60
C LYS B 150 -15.90 -15.92 -11.14
N PHE B 151 -15.25 -15.15 -10.26
CA PHE B 151 -14.52 -13.97 -10.72
C PHE B 151 -13.01 -14.09 -10.50
N ALA B 152 -12.48 -15.30 -10.58
CA ALA B 152 -11.03 -15.50 -10.44
C ALA B 152 -10.26 -14.67 -11.47
N GLY B 153 -10.80 -14.55 -12.69
CA GLY B 153 -10.13 -13.83 -13.75
C GLY B 153 -10.02 -12.33 -13.54
N ASP B 154 -10.71 -11.79 -12.55
CA ASP B 154 -10.61 -10.36 -12.27
C ASP B 154 -9.43 -10.01 -11.36
N LEU B 155 -8.63 -10.99 -10.95
CA LEU B 155 -7.65 -10.81 -9.88
C LEU B 155 -6.24 -11.08 -10.38
N PHE B 156 -5.28 -10.43 -9.72
CA PHE B 156 -3.88 -10.86 -9.80
C PHE B 156 -3.63 -11.97 -8.77
N HIS B 157 -3.07 -13.08 -9.23
CA HIS B 157 -2.72 -14.20 -8.36
C HIS B 157 -1.20 -14.30 -8.27
N THR B 158 -0.71 -14.69 -7.10
CA THR B 158 0.72 -14.87 -6.89
C THR B 158 1.10 -16.34 -7.04
N ARG B 159 2.31 -16.58 -7.53
CA ARG B 159 2.87 -17.92 -7.53
C ARG B 159 3.15 -18.36 -6.08
N PRO B 160 2.98 -19.66 -5.80
CA PRO B 160 3.25 -20.14 -4.44
C PRO B 160 4.72 -19.94 -4.08
N LEU B 161 4.95 -19.54 -2.84
CA LEU B 161 6.32 -19.50 -2.32
C LEU B 161 6.88 -20.91 -2.21
N GLU B 162 8.11 -21.11 -2.68
CA GLU B 162 8.65 -22.47 -2.77
C GLU B 162 8.75 -23.13 -1.40
N GLU B 163 8.80 -22.36 -0.33
CA GLU B 163 8.90 -22.90 1.02
C GLU B 163 7.57 -22.94 1.76
N GLU B 164 6.49 -22.41 1.16
CA GLU B 164 5.13 -22.55 1.67
C GLU B 164 4.23 -23.06 0.55
N ALA B 165 4.68 -24.12 -0.12
CA ALA B 165 4.17 -24.43 -1.45
C ALA B 165 2.69 -24.78 -1.46
N ASP B 166 2.17 -25.34 -0.35
CA ASP B 166 0.79 -25.80 -0.35
C ASP B 166 -0.19 -24.76 0.17
N THR B 167 0.28 -23.72 0.86
CA THR B 167 -0.60 -22.81 1.57
C THR B 167 -0.44 -21.35 1.14
N SER B 168 0.19 -21.09 0.00
CA SER B 168 0.49 -19.71 -0.38
C SER B 168 -0.01 -19.39 -1.79
N ASN B 169 -1.12 -20.00 -2.21
CA ASN B 169 -1.87 -19.55 -3.39
C ASN B 169 -2.66 -18.32 -2.94
N TYR B 170 -2.03 -17.14 -3.05
CA TYR B 170 -2.65 -15.90 -2.63
C TYR B 170 -3.15 -15.12 -3.86
N ALA B 171 -4.00 -14.13 -3.58
CA ALA B 171 -4.37 -13.11 -4.56
C ALA B 171 -4.30 -11.73 -3.92
N LEU B 172 -3.98 -10.73 -4.73
N LEU B 172 -3.98 -10.74 -4.74
CA LEU B 172 -4.03 -9.34 -4.29
CA LEU B 172 -4.05 -9.34 -4.32
C LEU B 172 -5.48 -8.89 -4.18
C LEU B 172 -5.51 -8.94 -4.16
N ILE B 173 -5.79 -8.14 -3.13
CA ILE B 173 -7.18 -7.78 -2.84
C ILE B 173 -7.69 -6.82 -3.91
N PRO B 174 -8.92 -7.01 -4.40
CA PRO B 174 -9.52 -6.00 -5.29
C PRO B 174 -10.21 -4.87 -4.54
N THR B 175 -10.38 -5.00 -3.22
CA THR B 175 -11.04 -4.02 -2.38
C THR B 175 -10.90 -4.50 -0.94
N ALA B 176 -10.83 -3.55 0.00
CA ALA B 176 -10.74 -3.92 1.40
C ALA B 176 -12.01 -4.56 1.93
N GLU B 177 -13.10 -4.56 1.17
CA GLU B 177 -14.28 -5.34 1.54
C GLU B 177 -13.89 -6.77 1.86
N VAL B 178 -12.95 -7.32 1.11
CA VAL B 178 -12.62 -8.75 1.19
C VAL B 178 -11.98 -9.08 2.54
N PRO B 179 -10.87 -8.45 2.92
CA PRO B 179 -10.32 -8.76 4.24
C PRO B 179 -11.18 -8.30 5.41
N LEU B 180 -11.80 -7.11 5.31
CA LEU B 180 -12.55 -6.58 6.46
C LEU B 180 -13.75 -7.45 6.79
N THR B 181 -14.54 -7.82 5.78
CA THR B 181 -15.74 -8.60 6.04
C THR B 181 -15.40 -9.98 6.59
N ASN B 182 -14.29 -10.56 6.13
CA ASN B 182 -13.88 -11.89 6.59
C ASN B 182 -13.34 -11.89 8.01
N LEU B 183 -13.20 -10.73 8.67
CA LEU B 183 -12.76 -10.74 10.05
C LEU B 183 -13.74 -11.46 10.96
N VAL B 184 -15.03 -11.53 10.59
CA VAL B 184 -16.03 -12.22 11.39
C VAL B 184 -16.30 -13.63 10.87
N ARG B 185 -15.49 -14.13 9.94
CA ARG B 185 -15.71 -15.47 9.41
C ARG B 185 -15.62 -16.49 10.54
N GLY B 186 -16.60 -17.39 10.61
CA GLY B 186 -16.66 -18.43 11.60
C GLY B 186 -16.98 -17.98 13.01
N GLU B 187 -17.40 -16.75 13.21
CA GLU B 187 -17.63 -16.23 14.55
C GLU B 187 -19.11 -16.24 14.91
N ILE B 188 -19.38 -16.33 16.21
CA ILE B 188 -20.69 -16.06 16.79
C ILE B 188 -20.56 -14.80 17.65
N ILE B 189 -21.32 -13.77 17.30
CA ILE B 189 -21.19 -12.45 17.90
C ILE B 189 -22.39 -12.20 18.79
N ASP B 190 -22.15 -11.70 20.00
CA ASP B 190 -23.25 -11.26 20.85
C ASP B 190 -24.00 -10.11 20.18
N GLU B 191 -25.34 -10.21 20.20
CA GLU B 191 -26.14 -9.18 19.56
C GLU B 191 -25.88 -7.81 20.16
N ASP B 192 -25.48 -7.76 21.43
CA ASP B 192 -25.24 -6.47 22.08
C ASP B 192 -23.97 -5.80 21.56
N ASP B 193 -23.03 -6.57 20.99
CA ASP B 193 -21.84 -5.99 20.39
C ASP B 193 -22.07 -5.51 18.96
N LEU B 194 -23.26 -5.68 18.41
CA LEU B 194 -23.54 -5.17 17.07
C LEU B 194 -24.17 -3.80 17.16
N PRO B 195 -23.98 -2.96 16.14
CA PRO B 195 -23.26 -3.22 14.87
C PRO B 195 -21.76 -3.11 15.01
N ILE B 196 -21.02 -3.79 14.13
CA ILE B 196 -19.56 -3.66 14.04
C ILE B 196 -19.28 -2.81 12.81
N LYS B 197 -18.56 -1.72 13.01
CA LYS B 197 -18.30 -0.75 11.95
C LYS B 197 -16.80 -0.62 11.77
N MET B 198 -16.32 -0.98 10.57
CA MET B 198 -14.89 -1.00 10.29
C MET B 198 -14.58 -0.19 9.04
N THR B 199 -13.40 0.44 9.04
CA THR B 199 -12.92 1.14 7.85
C THR B 199 -11.43 0.84 7.65
N ALA B 200 -10.97 0.97 6.41
CA ALA B 200 -9.57 0.78 6.09
C ALA B 200 -9.24 1.54 4.83
N HIS B 201 -7.98 1.96 4.74
CA HIS B 201 -7.41 2.56 3.54
C HIS B 201 -6.43 1.56 2.97
N THR B 202 -6.68 1.07 1.75
CA THR B 202 -5.77 0.12 1.11
C THR B 202 -5.61 0.45 -0.37
N PRO B 203 -4.53 -0.03 -0.99
CA PRO B 203 -4.51 -0.16 -2.45
C PRO B 203 -5.44 -1.28 -2.87
N CYS B 204 -5.91 -1.21 -4.12
CA CYS B 204 -6.83 -2.16 -4.71
C CYS B 204 -6.32 -2.56 -6.09
N PHE B 205 -6.35 -3.86 -6.39
CA PHE B 205 -5.73 -4.40 -7.60
C PHE B 205 -6.77 -5.15 -8.40
N ARG B 206 -6.90 -4.80 -9.68
CA ARG B 206 -7.92 -5.38 -10.55
C ARG B 206 -7.34 -5.62 -11.94
N SER B 207 -7.57 -6.82 -12.46
CA SER B 207 -7.07 -7.15 -13.78
C SER B 207 -7.80 -6.37 -14.87
N GLU B 208 -9.04 -5.94 -14.61
CA GLU B 208 -9.83 -5.17 -15.56
C GLU B 208 -9.97 -5.93 -16.88
N ALA B 209 -10.22 -7.23 -16.76
CA ALA B 209 -10.41 -8.08 -17.94
C ALA B 209 -11.62 -7.63 -18.73
N GLY B 210 -11.52 -7.74 -20.06
CA GLY B 210 -12.63 -7.32 -20.91
C GLY B 210 -12.98 -5.86 -20.76
N SER B 211 -11.97 -5.00 -20.67
CA SER B 211 -12.19 -3.56 -20.53
C SER B 211 -11.21 -2.76 -21.36
N TYR B 212 -10.48 -3.38 -22.28
CA TYR B 212 -9.62 -2.65 -23.20
C TYR B 212 -10.45 -1.67 -24.01
N GLY B 213 -10.19 -0.37 -23.82
CA GLY B 213 -10.89 0.70 -24.49
C GLY B 213 -11.70 1.57 -23.56
N ARG B 214 -12.22 1.01 -22.47
CA ARG B 214 -13.00 1.77 -21.51
C ARG B 214 -12.07 2.69 -20.73
N ASP B 215 -12.24 4.00 -20.91
CA ASP B 215 -11.46 5.02 -20.19
C ASP B 215 -9.96 4.73 -20.28
N THR B 216 -9.44 4.87 -21.50
CA THR B 216 -8.04 4.55 -21.76
C THR B 216 -7.08 5.64 -21.30
N ARG B 217 -7.58 6.82 -20.95
CA ARG B 217 -6.77 7.96 -20.53
C ARG B 217 -7.12 8.33 -19.10
N GLY B 218 -6.10 8.48 -18.27
CA GLY B 218 -6.27 9.08 -16.97
C GLY B 218 -6.44 8.08 -15.84
N LEU B 219 -6.99 8.59 -14.73
CA LEU B 219 -7.04 7.88 -13.47
C LEU B 219 -8.34 7.14 -13.24
N ILE B 220 -9.28 7.18 -14.18
CA ILE B 220 -10.61 6.64 -13.93
C ILE B 220 -10.59 5.12 -13.77
N ARG B 221 -9.82 4.43 -14.61
CA ARG B 221 -9.78 2.97 -14.60
C ARG B 221 -8.33 2.49 -14.63
N MET B 222 -7.87 1.93 -13.52
CA MET B 222 -6.48 1.57 -13.35
C MET B 222 -6.36 0.17 -12.78
N HIS B 223 -5.18 -0.43 -12.97
CA HIS B 223 -4.90 -1.72 -12.32
C HIS B 223 -4.67 -1.56 -10.82
N GLN B 224 -4.21 -0.40 -10.38
CA GLN B 224 -3.94 -0.13 -8.97
C GLN B 224 -4.53 1.23 -8.60
N PHE B 225 -5.32 1.26 -7.53
CA PHE B 225 -5.87 2.51 -7.02
C PHE B 225 -6.15 2.39 -5.53
N ASP B 226 -6.17 3.53 -4.85
CA ASP B 226 -6.45 3.59 -3.42
C ASP B 226 -7.94 3.82 -3.17
N LYS B 227 -8.44 3.24 -2.08
CA LYS B 227 -9.83 3.39 -1.69
C LYS B 227 -9.93 3.31 -0.18
N VAL B 228 -10.77 4.16 0.41
CA VAL B 228 -11.15 4.07 1.82
C VAL B 228 -12.51 3.38 1.89
N GLU B 229 -12.55 2.22 2.53
CA GLU B 229 -13.72 1.34 2.50
C GLU B 229 -14.44 1.38 3.84
N MET B 230 -15.77 1.28 3.80
CA MET B 230 -16.60 1.17 4.98
C MET B 230 -17.31 -0.18 4.93
N VAL B 231 -17.33 -0.87 6.07
CA VAL B 231 -18.01 -2.15 6.20
C VAL B 231 -18.79 -2.13 7.50
N GLN B 232 -20.01 -2.67 7.48
CA GLN B 232 -20.79 -2.85 8.70
C GLN B 232 -21.31 -4.29 8.80
N ILE B 233 -21.26 -4.82 10.02
CA ILE B 233 -21.85 -6.10 10.39
C ILE B 233 -23.01 -5.78 11.32
N VAL B 234 -24.25 -6.13 10.93
CA VAL B 234 -25.42 -5.69 11.66
C VAL B 234 -26.44 -6.82 11.85
N ARG B 235 -27.35 -6.61 12.81
CA ARG B 235 -28.50 -7.48 12.98
C ARG B 235 -29.33 -7.52 11.70
N PRO B 236 -29.94 -8.65 11.39
CA PRO B 236 -30.71 -8.74 10.14
C PRO B 236 -31.84 -7.71 10.01
N GLU B 237 -32.46 -7.31 11.12
CA GLU B 237 -33.55 -6.35 11.01
C GLU B 237 -33.09 -4.91 10.85
N ASP B 238 -31.79 -4.64 10.97
CA ASP B 238 -31.27 -3.29 10.90
C ASP B 238 -30.57 -2.95 9.59
N SER B 239 -30.52 -3.87 8.64
CA SER B 239 -29.60 -3.72 7.53
C SER B 239 -30.08 -2.70 6.49
N MET B 240 -31.39 -2.57 6.28
CA MET B 240 -31.85 -1.56 5.34
C MET B 240 -31.68 -0.13 5.90
N ALA B 241 -31.84 0.03 7.21
CA ALA B 241 -31.51 1.31 7.84
C ALA B 241 -30.00 1.59 7.79
N ALA B 242 -29.19 0.57 8.05
CA ALA B 242 -27.74 0.77 8.01
C ALA B 242 -27.26 1.17 6.63
N LEU B 243 -27.89 0.66 5.57
CA LEU B 243 -27.52 1.10 4.23
C LEU B 243 -27.73 2.61 4.05
N GLU B 244 -28.88 3.13 4.52
CA GLU B 244 -29.13 4.57 4.44
C GLU B 244 -28.09 5.34 5.26
N GLU B 245 -27.76 4.86 6.46
CA GLU B 245 -26.75 5.52 7.27
C GLU B 245 -25.40 5.53 6.57
N MET B 246 -25.00 4.38 5.99
CA MET B 246 -23.69 4.27 5.37
C MET B 246 -23.59 5.09 4.09
N THR B 247 -24.67 5.11 3.29
CA THR B 247 -24.65 5.94 2.10
C THR B 247 -24.51 7.41 2.46
N GLY B 248 -25.10 7.83 3.58
CA GLY B 248 -24.95 9.20 4.01
C GLY B 248 -23.57 9.54 4.51
N HIS B 249 -22.86 8.55 5.07
CA HIS B 249 -21.45 8.77 5.42
C HIS B 249 -20.63 9.07 4.17
N ALA B 250 -20.89 8.38 3.07
CA ALA B 250 -20.16 8.64 1.84
C ALA B 250 -20.57 10.00 1.25
N GLU B 251 -21.85 10.35 1.39
CA GLU B 251 -22.32 11.65 0.89
C GLU B 251 -21.67 12.81 1.64
N LYS B 252 -21.51 12.66 2.96
CA LYS B 252 -20.88 13.70 3.75
C LYS B 252 -19.46 13.99 3.27
N VAL B 253 -18.74 13.00 2.74
CA VAL B 253 -17.40 13.25 2.23
C VAL B 253 -17.47 14.21 1.04
N LEU B 254 -18.37 13.93 0.10
CA LEU B 254 -18.54 14.79 -1.07
C LEU B 254 -19.02 16.17 -0.68
N GLN B 255 -19.92 16.26 0.30
CA GLN B 255 -20.45 17.56 0.71
C GLN B 255 -19.36 18.41 1.33
N LEU B 256 -18.58 17.84 2.27
CA LEU B 256 -17.49 18.59 2.89
C LEU B 256 -16.45 19.04 1.86
N LEU B 257 -16.28 18.30 0.78
CA LEU B 257 -15.37 18.71 -0.29
C LEU B 257 -16.03 19.64 -1.30
N GLY B 258 -17.31 19.94 -1.14
CA GLY B 258 -18.01 20.82 -2.07
C GLY B 258 -18.10 20.28 -3.47
N LEU B 259 -18.32 18.98 -3.61
CA LEU B 259 -18.38 18.37 -4.93
C LEU B 259 -19.82 18.00 -5.26
N PRO B 260 -20.37 18.52 -6.37
CA PRO B 260 -21.73 18.13 -6.74
C PRO B 260 -21.81 16.67 -7.16
N TYR B 261 -22.93 16.03 -6.79
CA TYR B 261 -23.11 14.62 -7.09
C TYR B 261 -24.59 14.30 -7.24
N ARG B 262 -24.87 13.08 -7.72
CA ARG B 262 -26.22 12.53 -7.70
C ARG B 262 -26.18 11.12 -7.13
N LYS B 263 -27.30 10.73 -6.51
CA LYS B 263 -27.47 9.41 -5.93
C LYS B 263 -28.47 8.63 -6.78
N ILE B 264 -28.06 7.45 -7.25
CA ILE B 264 -28.95 6.58 -8.01
C ILE B 264 -29.05 5.24 -7.30
N ILE B 265 -30.14 4.53 -7.59
CA ILE B 265 -30.32 3.14 -7.16
C ILE B 265 -30.21 2.26 -8.40
N LEU B 266 -29.40 1.21 -8.32
CA LEU B 266 -29.17 0.36 -9.48
C LEU B 266 -30.36 -0.57 -9.70
N CYS B 267 -30.65 -0.85 -10.96
CA CYS B 267 -31.68 -1.81 -11.30
C CYS B 267 -31.14 -3.23 -11.13
N THR B 268 -32.07 -4.20 -11.14
CA THR B 268 -31.71 -5.60 -10.95
C THR B 268 -30.58 -6.03 -11.89
N GLY B 269 -30.66 -5.63 -13.16
CA GLY B 269 -29.72 -6.10 -14.16
C GLY B 269 -28.33 -5.49 -14.12
N ASP B 270 -28.15 -4.40 -13.36
CA ASP B 270 -26.86 -3.75 -13.26
C ASP B 270 -26.21 -3.96 -11.90
N MET B 271 -26.88 -4.62 -10.97
CA MET B 271 -26.34 -4.86 -9.65
C MET B 271 -25.19 -5.87 -9.72
N GLY B 272 -24.28 -5.78 -8.74
CA GLY B 272 -23.22 -6.75 -8.63
C GLY B 272 -23.72 -8.08 -8.08
N PHE B 273 -22.89 -9.11 -8.31
CA PHE B 273 -23.20 -10.49 -7.93
C PHE B 273 -23.78 -10.62 -6.54
N GLY B 274 -23.17 -9.98 -5.54
CA GLY B 274 -23.52 -10.25 -4.15
C GLY B 274 -24.52 -9.31 -3.49
N ALA B 275 -24.86 -8.22 -4.15
CA ALA B 275 -25.74 -7.22 -3.55
C ALA B 275 -27.21 -7.61 -3.72
N CYS B 276 -28.02 -7.26 -2.70
CA CYS B 276 -29.47 -7.23 -2.86
C CYS B 276 -30.01 -5.81 -3.11
N LYS B 277 -29.19 -4.77 -2.90
CA LYS B 277 -29.61 -3.38 -3.08
C LYS B 277 -28.38 -2.48 -3.05
N THR B 278 -28.26 -1.61 -4.04
CA THR B 278 -27.07 -0.79 -4.20
C THR B 278 -27.45 0.64 -4.54
N TYR B 279 -26.91 1.59 -3.79
CA TYR B 279 -26.86 2.99 -4.20
C TYR B 279 -25.48 3.30 -4.77
N ASP B 280 -25.44 3.94 -5.94
CA ASP B 280 -24.21 4.53 -6.44
C ASP B 280 -24.25 6.04 -6.25
N LEU B 281 -23.09 6.62 -5.93
CA LEU B 281 -22.90 8.06 -5.93
C LEU B 281 -22.03 8.40 -7.13
N GLU B 282 -22.48 9.35 -7.94
CA GLU B 282 -21.73 9.81 -9.10
C GLU B 282 -21.40 11.30 -8.95
N VAL B 283 -20.13 11.64 -9.18
CA VAL B 283 -19.61 12.98 -8.95
C VAL B 283 -19.48 13.69 -10.28
N TRP B 284 -19.67 15.00 -10.24
CA TRP B 284 -19.57 15.80 -11.47
C TRP B 284 -18.12 15.90 -11.94
N ILE B 285 -17.89 15.56 -13.20
CA ILE B 285 -16.57 15.62 -13.82
C ILE B 285 -16.63 16.63 -14.95
N PRO B 286 -16.14 17.86 -14.71
CA PRO B 286 -16.31 18.92 -15.73
C PRO B 286 -15.85 18.58 -17.14
N ALA B 287 -14.66 18.03 -17.31
CA ALA B 287 -14.15 17.81 -18.67
C ALA B 287 -14.90 16.71 -19.41
N GLN B 288 -15.71 15.93 -18.73
CA GLN B 288 -16.57 14.94 -19.40
C GLN B 288 -18.01 15.39 -19.47
N ASN B 289 -18.35 16.51 -18.83
CA ASN B 289 -19.69 17.06 -18.87
C ASN B 289 -20.73 16.03 -18.43
N THR B 290 -20.38 15.23 -17.43
CA THR B 290 -21.28 14.22 -16.92
C THR B 290 -20.86 13.83 -15.51
N TYR B 291 -21.70 13.03 -14.88
CA TYR B 291 -21.42 12.45 -13.57
C TYR B 291 -20.74 11.08 -13.75
N ARG B 292 -19.73 10.80 -12.92
CA ARG B 292 -19.08 9.50 -12.94
C ARG B 292 -19.07 8.87 -11.56
N GLU B 293 -19.19 7.55 -11.55
CA GLU B 293 -19.27 6.80 -10.31
C GLU B 293 -18.05 7.03 -9.43
N ILE B 294 -18.29 7.29 -8.15
CA ILE B 294 -17.21 7.52 -7.20
C ILE B 294 -17.41 6.64 -5.96
N SER B 295 -18.58 6.03 -5.85
CA SER B 295 -18.85 5.18 -4.70
C SER B 295 -20.00 4.23 -5.02
N SER B 296 -19.97 3.07 -4.38
CA SER B 296 -21.00 2.05 -4.50
C SER B 296 -21.24 1.49 -3.10
N CYS B 297 -22.46 1.68 -2.58
CA CYS B 297 -22.85 1.21 -1.26
C CYS B 297 -23.92 0.14 -1.40
N SER B 298 -23.68 -1.01 -0.77
CA SER B 298 -24.53 -2.18 -0.97
C SER B 298 -24.94 -2.82 0.35
N ASN B 299 -26.20 -3.22 0.44
CA ASN B 299 -26.65 -4.23 1.40
C ASN B 299 -26.46 -5.60 0.76
N VAL B 300 -25.74 -6.49 1.44
CA VAL B 300 -25.49 -7.83 0.94
C VAL B 300 -26.38 -8.88 1.59
N TRP B 301 -27.27 -8.47 2.50
CA TRP B 301 -28.20 -9.37 3.15
C TRP B 301 -27.35 -10.43 3.86
N ASP B 302 -27.74 -11.69 3.82
CA ASP B 302 -27.02 -12.77 4.50
C ASP B 302 -26.18 -13.61 3.55
N PHE B 303 -25.90 -13.08 2.36
CA PHE B 303 -25.28 -13.85 1.29
C PHE B 303 -23.83 -14.19 1.62
N GLN B 304 -23.06 -13.20 2.05
CA GLN B 304 -21.69 -13.47 2.47
C GLN B 304 -21.67 -14.15 3.83
N ALA B 305 -22.58 -13.75 4.73
CA ALA B 305 -22.59 -14.34 6.06
C ALA B 305 -22.81 -15.84 6.01
N ARG B 306 -23.57 -16.31 5.02
CA ARG B 306 -23.83 -17.74 4.90
C ARG B 306 -22.58 -18.49 4.45
N ARG B 307 -21.84 -17.94 3.49
CA ARG B 307 -20.58 -18.55 3.08
C ARG B 307 -19.58 -18.54 4.22
N MET B 308 -19.56 -17.47 5.01
CA MET B 308 -18.60 -17.34 6.10
C MET B 308 -19.08 -17.96 7.39
N GLN B 309 -20.38 -18.28 7.51
CA GLN B 309 -20.99 -18.71 8.76
C GLN B 309 -20.70 -17.71 9.88
N ALA B 310 -20.94 -16.44 9.57
CA ALA B 310 -20.92 -15.38 10.57
C ALA B 310 -22.33 -15.23 11.14
N ARG B 311 -22.44 -15.39 12.45
N ARG B 311 -22.47 -15.44 12.45
CA ARG B 311 -23.73 -15.46 13.14
CA ARG B 311 -23.78 -15.45 13.08
C ARG B 311 -23.75 -14.53 14.33
C ARG B 311 -23.76 -14.58 14.32
N CYS B 312 -24.96 -14.26 14.82
CA CYS B 312 -25.12 -13.54 16.08
C CYS B 312 -26.10 -14.31 16.98
N ARG B 313 -26.03 -14.01 18.27
CA ARG B 313 -26.75 -14.71 19.30
C ARG B 313 -27.47 -13.69 20.17
N SER B 314 -28.75 -13.92 20.45
CA SER B 314 -29.46 -13.11 21.42
C SER B 314 -29.06 -13.52 22.84
N LYS B 315 -28.99 -12.54 23.73
CA LYS B 315 -28.65 -12.87 25.11
C LYS B 315 -29.80 -13.63 25.78
N SER B 316 -31.03 -13.41 25.33
CA SER B 316 -32.19 -14.07 25.90
C SER B 316 -32.05 -15.58 25.75
N ASP B 317 -32.15 -16.10 24.52
CA ASP B 317 -32.04 -17.52 24.27
C ASP B 317 -30.66 -17.85 23.68
N LYS B 318 -30.50 -19.07 23.17
CA LYS B 318 -29.22 -19.55 22.67
C LYS B 318 -29.19 -19.73 21.16
N LYS B 319 -30.31 -19.55 20.47
CA LYS B 319 -30.34 -19.73 19.02
C LYS B 319 -29.46 -18.69 18.34
N THR B 320 -28.83 -19.10 17.26
CA THR B 320 -28.02 -18.21 16.43
C THR B 320 -28.74 -17.94 15.11
N ARG B 321 -28.33 -16.86 14.46
CA ARG B 321 -28.84 -16.55 13.14
C ARG B 321 -27.75 -15.79 12.39
N LEU B 322 -27.88 -15.79 11.06
CA LEU B 322 -26.92 -15.12 10.22
C LEU B 322 -27.02 -13.60 10.37
N VAL B 323 -25.86 -12.94 10.45
CA VAL B 323 -25.80 -11.48 10.42
C VAL B 323 -26.02 -11.04 8.97
N HIS B 324 -26.21 -9.74 8.77
CA HIS B 324 -26.14 -9.13 7.45
C HIS B 324 -24.85 -8.34 7.35
N THR B 325 -24.35 -8.18 6.12
CA THR B 325 -23.14 -7.39 5.88
C THR B 325 -23.41 -6.30 4.83
N LEU B 326 -22.67 -5.21 4.95
CA LEU B 326 -22.79 -4.07 4.05
C LEU B 326 -21.38 -3.52 3.79
N ASN B 327 -21.18 -2.97 2.59
CA ASN B 327 -19.91 -2.35 2.23
C ASN B 327 -20.18 -1.16 1.32
N GLY B 328 -19.29 -0.16 1.41
CA GLY B 328 -19.43 1.03 0.59
C GLY B 328 -18.13 1.83 0.53
N SER B 329 -17.90 2.46 -0.61
CA SER B 329 -16.74 3.31 -0.79
C SER B 329 -16.95 4.66 -0.13
N GLY B 330 -15.99 5.10 0.67
CA GLY B 330 -16.03 6.43 1.23
C GLY B 330 -14.71 7.17 1.33
N LEU B 331 -14.00 7.39 0.23
CA LEU B 331 -14.42 7.08 -1.12
C LEU B 331 -13.27 6.39 -1.89
N ALA B 332 -13.48 6.12 -3.18
CA ALA B 332 -12.38 5.79 -4.08
C ALA B 332 -11.50 7.03 -4.26
N VAL B 333 -10.22 6.92 -3.91
CA VAL B 333 -9.41 8.12 -3.74
C VAL B 333 -8.93 8.65 -5.09
N GLY B 334 -8.55 7.77 -6.01
CA GLY B 334 -8.10 8.25 -7.31
C GLY B 334 -9.16 9.05 -8.03
N ARG B 335 -10.40 8.58 -8.03
CA ARG B 335 -11.47 9.31 -8.71
C ARG B 335 -11.83 10.59 -7.97
N THR B 336 -11.72 10.60 -6.64
CA THR B 336 -11.91 11.85 -5.91
C THR B 336 -10.84 12.87 -6.32
N LEU B 337 -9.60 12.42 -6.52
CA LEU B 337 -8.56 13.35 -6.95
C LEU B 337 -8.91 13.95 -8.29
N VAL B 338 -9.43 13.14 -9.22
CA VAL B 338 -9.89 13.68 -10.49
C VAL B 338 -10.93 14.77 -10.28
N ALA B 339 -11.92 14.50 -9.43
CA ALA B 339 -13.00 15.46 -9.23
C ALA B 339 -12.48 16.74 -8.60
N VAL B 340 -11.60 16.64 -7.61
CA VAL B 340 -11.06 17.84 -6.97
C VAL B 340 -10.24 18.64 -7.95
N MET B 341 -9.41 17.97 -8.75
CA MET B 341 -8.54 18.68 -9.68
C MET B 341 -9.35 19.46 -10.70
N GLU B 342 -10.40 18.85 -11.26
CA GLU B 342 -11.13 19.48 -12.36
C GLU B 342 -12.13 20.51 -11.85
N ASN B 343 -12.81 20.25 -10.73
CA ASN B 343 -13.80 21.19 -10.24
C ASN B 343 -13.19 22.42 -9.56
N TYR B 344 -11.93 22.36 -9.13
CA TYR B 344 -11.29 23.45 -8.43
C TYR B 344 -10.20 24.12 -9.26
N GLN B 345 -10.08 23.78 -10.53
CA GLN B 345 -9.08 24.42 -11.38
C GLN B 345 -9.43 25.89 -11.58
N GLN B 346 -8.39 26.71 -11.79
CA GLN B 346 -8.52 28.12 -12.11
C GLN B 346 -8.09 28.34 -13.56
N ALA B 347 -8.25 29.59 -14.01
CA ALA B 347 -8.00 29.88 -15.42
C ALA B 347 -6.52 29.81 -15.77
N ASP B 348 -5.63 30.18 -14.86
CA ASP B 348 -4.20 30.07 -15.10
C ASP B 348 -3.66 28.65 -14.96
N GLY B 349 -4.50 27.67 -14.64
CA GLY B 349 -4.08 26.30 -14.50
C GLY B 349 -3.82 25.87 -13.07
N ARG B 350 -3.79 26.79 -12.13
CA ARG B 350 -3.63 26.44 -10.73
C ARG B 350 -4.88 25.75 -10.22
N ILE B 351 -4.75 25.06 -9.09
CA ILE B 351 -5.83 24.28 -8.50
C ILE B 351 -6.00 24.73 -7.06
N GLU B 352 -7.18 25.24 -6.74
CA GLU B 352 -7.50 25.63 -5.37
C GLU B 352 -7.63 24.40 -4.49
N VAL B 353 -7.00 24.44 -3.32
CA VAL B 353 -7.07 23.33 -2.37
C VAL B 353 -8.36 23.50 -1.58
N PRO B 354 -9.28 22.53 -1.60
CA PRO B 354 -10.51 22.66 -0.82
C PRO B 354 -10.20 22.97 0.64
N GLU B 355 -11.04 23.81 1.24
CA GLU B 355 -10.80 24.27 2.59
C GLU B 355 -10.49 23.12 3.55
N VAL B 356 -11.23 22.02 3.44
CA VAL B 356 -11.17 20.97 4.45
C VAL B 356 -9.86 20.17 4.36
N LEU B 357 -9.13 20.29 3.25
CA LEU B 357 -7.87 19.59 3.10
C LEU B 357 -6.64 20.40 3.53
N ARG B 358 -6.79 21.71 3.73
CA ARG B 358 -5.61 22.54 3.98
C ARG B 358 -4.84 22.16 5.23
N PRO B 359 -5.48 21.76 6.33
CA PRO B 359 -4.70 21.25 7.48
C PRO B 359 -3.89 20.00 7.16
N TYR B 360 -4.23 19.27 6.11
CA TYR B 360 -3.49 18.08 5.71
C TYR B 360 -2.44 18.37 4.67
N MET B 361 -2.33 19.63 4.22
CA MET B 361 -1.36 20.02 3.21
C MET B 361 -0.51 21.18 3.69
N ASN B 362 -0.32 21.28 5.01
CA ASN B 362 0.58 22.28 5.59
C ASN B 362 0.14 23.69 5.23
N GLY B 363 -1.19 23.90 5.20
CA GLY B 363 -1.75 25.20 4.95
C GLY B 363 -1.82 25.62 3.50
N LEU B 364 -1.32 24.82 2.58
CA LEU B 364 -1.26 25.20 1.18
C LEU B 364 -2.65 25.58 0.66
N GLU B 365 -2.71 26.72 -0.03
CA GLU B 365 -3.95 27.24 -0.59
C GLU B 365 -4.14 26.91 -2.06
N TYR B 366 -3.05 26.81 -2.82
CA TYR B 366 -3.13 26.53 -4.24
C TYR B 366 -2.02 25.57 -4.63
N ILE B 367 -2.31 24.74 -5.62
CA ILE B 367 -1.32 23.92 -6.30
C ILE B 367 -0.86 24.69 -7.52
N GLY B 368 0.46 24.87 -7.65
CA GLY B 368 1.03 25.48 -8.83
C GLY B 368 1.45 26.92 -8.63
#